data_3GEI
#
_entry.id   3GEI
#
_cell.length_a   139.882
_cell.length_b   224.572
_cell.length_c   156.788
_cell.angle_alpha   90.00
_cell.angle_beta   90.00
_cell.angle_gamma   90.00
#
_symmetry.space_group_name_H-M   'C 2 2 21'
#
loop_
_entity.id
_entity.type
_entity.pdbx_description
1 polymer 'tRNA modification GTPase mnmE'
2 non-polymer 'PHOSPHOMETHYLPHOSPHONIC ACID GUANYLATE ESTER'
3 non-polymer 'MAGNESIUM ION'
#
_entity_poly.entity_id   1
_entity_poly.type   'polypeptide(L)'
_entity_poly.pdbx_seq_one_letter_code
;GSHMSPSDLHLPVPGHPIAAIATPVGVGALAIVRISGAGVLDLADRVFRKVHGSGKLAEAAGYTAHFGRLYDGEEMVDEV
IALVFRAPRSFTAEQMVEFTCHGGPVVVGRVLRLMLDNGCRLAEPGEFTRRAFLNGRIDLLQAEAIGEMIHARTESAYRT
AVSQMKGDLSVRLGGLREQLIRSCALIELELDFSEEDVEFQSRDELTMQIETLRSEVNRLIDSYQHGRIVSEGVSTVIAG
KPNAGKSTLLNTLLGQERAIVSHMPGTTRDYIEECFIHDKTMFRLTDTAGLREAGEEIEHEGIRRSRMKMAEADLILYLL
DLGTERLDDELTEIRELKAAHPAAKFLTVANKLDRAANADALIRAIADGTGTEVIGISALNGDGIDTLKQHMGDLVKNLD
KLHEASVLVTSLRHYEALRNASDALQNALELIAHESETELIAFELRAALDYVGQITGKVVNEEVLNTIFDKFCIGK
;
_entity_poly.pdbx_strand_id   A,B,C
#
loop_
_chem_comp.id
_chem_comp.type
_chem_comp.name
_chem_comp.formula
GCP non-polymer 'PHOSPHOMETHYLPHOSPHONIC ACID GUANYLATE ESTER' 'C11 H18 N5 O13 P3'
MG non-polymer 'MAGNESIUM ION' 'Mg 2'
#
# COMPACT_ATOMS: atom_id res chain seq x y z
N SER A 7 32.26 17.68 -16.58
CA SER A 7 32.92 16.37 -16.87
C SER A 7 32.89 15.48 -15.61
N ASP A 8 31.79 15.60 -14.84
CA ASP A 8 31.64 14.88 -13.56
C ASP A 8 30.45 13.89 -13.50
N LEU A 9 30.32 13.23 -12.35
CA LEU A 9 29.48 12.04 -12.19
C LEU A 9 28.20 12.32 -11.40
N HIS A 10 27.72 11.29 -10.69
CA HIS A 10 26.51 11.36 -9.89
C HIS A 10 26.78 11.24 -8.38
N LEU A 11 27.52 12.20 -7.83
CA LEU A 11 27.86 12.18 -6.42
C LEU A 11 26.67 12.59 -5.56
N PRO A 12 26.52 11.96 -4.38
CA PRO A 12 25.46 12.22 -3.39
C PRO A 12 25.51 13.65 -2.85
N VAL A 13 24.39 14.35 -2.87
CA VAL A 13 24.32 15.75 -2.41
C VAL A 13 24.86 15.94 -0.99
N PRO A 14 25.97 16.69 -0.85
CA PRO A 14 26.68 16.81 0.42
C PRO A 14 25.96 17.70 1.43
N GLY A 15 26.02 17.32 2.70
CA GLY A 15 25.38 18.08 3.77
C GLY A 15 26.11 19.36 4.14
N HIS A 16 25.54 20.12 5.07
CA HIS A 16 26.13 21.36 5.55
C HIS A 16 27.53 21.11 6.11
N PRO A 17 28.51 21.99 5.79
CA PRO A 17 29.89 21.82 6.26
C PRO A 17 30.01 21.73 7.78
N ILE A 18 30.56 20.61 8.26
CA ILE A 18 30.74 20.37 9.69
C ILE A 18 32.21 20.25 10.08
N ALA A 19 32.50 20.47 11.36
CA ALA A 19 33.86 20.42 11.88
C ALA A 19 33.89 19.82 13.28
N ALA A 20 34.95 19.07 13.58
CA ALA A 20 35.16 18.48 14.90
C ALA A 20 36.62 18.05 15.09
N ILE A 21 37.03 17.90 16.34
CA ILE A 21 38.35 17.35 16.67
C ILE A 21 38.28 15.83 16.61
N ALA A 22 39.10 15.22 15.75
CA ALA A 22 39.02 13.79 15.46
C ALA A 22 39.88 12.90 16.36
N THR A 23 40.89 13.51 16.97
CA THR A 23 41.85 12.81 17.82
C THR A 23 41.44 12.95 19.28
N PRO A 24 41.86 12.01 20.15
CA PRO A 24 41.50 12.06 21.56
C PRO A 24 41.87 13.38 22.24
N VAL A 25 41.24 13.65 23.38
CA VAL A 25 41.55 14.84 24.17
C VAL A 25 42.74 14.55 25.07
N GLY A 26 43.61 15.55 25.18
CA GLY A 26 44.85 15.42 25.96
C GLY A 26 46.02 16.01 25.21
N VAL A 27 47.21 15.83 25.77
CA VAL A 27 48.44 16.29 25.12
C VAL A 27 49.06 15.19 24.27
N GLY A 28 49.66 15.59 23.16
CA GLY A 28 50.37 14.67 22.27
C GLY A 28 51.11 15.44 21.20
N ALA A 29 51.91 14.74 20.41
CA ALA A 29 52.70 15.37 19.38
C ALA A 29 51.84 16.03 18.35
N LEU A 30 50.78 15.33 17.93
CA LEU A 30 49.87 15.81 16.87
C LEU A 30 48.38 15.61 17.22
N ALA A 31 47.52 16.39 16.56
CA ALA A 31 46.07 16.24 16.66
C ALA A 31 45.44 16.50 15.31
N ILE A 32 44.25 15.94 15.07
CA ILE A 32 43.54 16.17 13.80
C ILE A 32 42.19 16.88 14.03
N VAL A 33 41.98 17.97 13.30
CA VAL A 33 40.66 18.58 13.21
C VAL A 33 40.18 18.30 11.80
N ARG A 34 39.01 17.68 11.68
CA ARG A 34 38.51 17.38 10.35
C ARG A 34 37.17 18.01 10.01
N ILE A 35 37.02 18.37 8.74
CA ILE A 35 35.82 19.02 8.25
C ILE A 35 35.31 18.34 6.98
N SER A 36 33.99 18.31 6.81
CA SER A 36 33.34 17.66 5.67
C SER A 36 32.01 18.33 5.29
N GLY A 37 31.67 18.30 4.01
CA GLY A 37 30.45 18.92 3.54
C GLY A 37 30.55 19.67 2.23
N ALA A 38 29.66 20.63 2.02
CA ALA A 38 29.58 21.34 0.75
C ALA A 38 30.52 22.52 0.71
N GLY A 39 31.36 22.53 -0.32
CA GLY A 39 32.36 23.58 -0.55
C GLY A 39 33.33 23.73 0.61
N VAL A 40 33.74 22.60 1.17
CA VAL A 40 34.57 22.55 2.37
C VAL A 40 35.98 23.06 2.09
N LEU A 41 36.58 22.62 1.00
CA LEU A 41 37.93 23.06 0.68
C LEU A 41 37.99 24.51 0.19
N ASP A 42 36.87 25.04 -0.28
CA ASP A 42 36.80 26.48 -0.58
C ASP A 42 36.89 27.26 0.71
N LEU A 43 36.25 26.73 1.74
CA LEU A 43 36.23 27.32 3.07
C LEU A 43 37.61 27.20 3.68
N ALA A 44 38.25 26.04 3.49
CA ALA A 44 39.60 25.79 3.97
C ALA A 44 40.60 26.74 3.32
N ASP A 45 40.42 26.98 2.03
CA ASP A 45 41.26 27.92 1.29
C ASP A 45 41.29 29.30 1.90
N ARG A 46 40.23 29.66 2.62
CA ARG A 46 40.12 30.99 3.18
C ARG A 46 40.86 31.15 4.50
N VAL A 47 41.37 30.05 5.06
CA VAL A 47 42.15 30.10 6.30
C VAL A 47 43.53 29.46 6.20
N PHE A 48 43.76 28.66 5.15
CA PHE A 48 45.02 27.94 4.99
C PHE A 48 45.90 28.58 3.93
N ARG A 49 47.15 28.86 4.31
CA ARG A 49 48.13 29.43 3.39
C ARG A 49 49.26 28.47 3.08
N LYS A 50 49.29 27.98 1.84
CA LYS A 50 50.36 27.09 1.37
C LYS A 50 51.63 27.93 1.32
N VAL A 51 52.75 27.32 1.72
CA VAL A 51 54.01 28.06 1.94
C VAL A 51 54.64 28.70 0.68
N HIS A 52 54.81 27.91 -0.38
CA HIS A 52 55.58 28.33 -1.56
C HIS A 52 54.90 29.41 -2.41
N GLY A 53 54.09 28.99 -3.38
CA GLY A 53 53.36 29.89 -4.26
C GLY A 53 51.95 30.05 -3.73
N SER A 54 50.98 29.50 -4.46
CA SER A 54 49.56 29.54 -4.06
C SER A 54 48.71 28.48 -4.79
N GLY A 55 49.16 27.23 -4.71
CA GLY A 55 48.40 26.10 -5.25
C GLY A 55 47.12 25.96 -4.46
N LYS A 56 46.05 26.56 -4.96
CA LYS A 56 44.76 26.57 -4.27
C LYS A 56 44.28 25.16 -3.88
N LEU A 57 43.86 25.03 -2.63
CA LEU A 57 43.47 23.76 -2.03
C LEU A 57 42.28 23.14 -2.74
N ALA A 58 41.39 24.01 -3.23
CA ALA A 58 40.17 23.60 -3.93
C ALA A 58 40.46 22.89 -5.23
N GLU A 59 41.45 23.39 -5.97
CA GLU A 59 41.81 22.81 -7.26
C GLU A 59 42.90 21.75 -7.13
N ALA A 60 43.05 21.19 -5.94
CA ALA A 60 44.04 20.13 -5.71
C ALA A 60 43.43 18.75 -5.90
N ALA A 61 44.28 17.77 -6.17
CA ALA A 61 43.86 16.38 -6.37
C ALA A 61 43.52 15.69 -5.06
N GLY A 62 42.82 14.56 -5.15
CA GLY A 62 42.49 13.77 -3.96
C GLY A 62 43.72 13.10 -3.38
N TYR A 63 43.67 12.82 -2.07
CA TYR A 63 44.76 12.14 -1.35
C TYR A 63 46.12 12.81 -1.51
N THR A 64 46.12 14.14 -1.46
CA THR A 64 47.36 14.92 -1.53
C THR A 64 47.48 15.79 -0.30
N ALA A 65 48.63 15.70 0.36
CA ALA A 65 48.94 16.49 1.54
C ALA A 65 49.55 17.81 1.14
N HIS A 66 49.29 18.85 1.94
CA HIS A 66 49.82 20.19 1.70
C HIS A 66 50.33 20.81 2.98
N PHE A 67 51.60 21.20 2.99
CA PHE A 67 52.22 21.80 4.16
C PHE A 67 52.05 23.31 4.17
N GLY A 68 51.61 23.84 5.30
CA GLY A 68 51.40 25.29 5.45
C GLY A 68 50.98 25.75 6.82
N ARG A 69 50.30 26.90 6.85
CA ARG A 69 49.87 27.53 8.09
C ARG A 69 48.41 27.91 8.04
N LEU A 70 47.73 27.79 9.18
CA LEU A 70 46.38 28.29 9.34
C LEU A 70 46.43 29.72 9.89
N TYR A 71 45.70 30.62 9.24
CA TYR A 71 45.67 32.02 9.63
C TYR A 71 44.27 32.50 10.02
N ASP A 72 44.21 33.25 11.11
CA ASP A 72 43.00 33.94 11.51
C ASP A 72 43.16 35.40 11.14
N GLY A 73 43.12 35.68 9.85
CA GLY A 73 43.41 37.01 9.34
C GLY A 73 44.89 37.30 9.39
N GLU A 74 45.29 38.19 10.29
CA GLU A 74 46.70 38.55 10.44
C GLU A 74 47.44 37.57 11.35
N GLU A 75 46.72 36.99 12.29
CA GLU A 75 47.29 36.15 13.33
C GLU A 75 47.53 34.73 12.82
N MET A 76 48.70 34.15 13.15
CA MET A 76 48.97 32.74 12.87
C MET A 76 48.32 31.88 13.94
N VAL A 77 47.78 30.73 13.52
CA VAL A 77 47.10 29.83 14.44
C VAL A 77 47.98 28.61 14.73
N ASP A 78 48.55 28.02 13.68
CA ASP A 78 49.46 26.88 13.80
C ASP A 78 50.11 26.57 12.45
N GLU A 79 51.09 25.67 12.49
CA GLU A 79 51.71 25.11 11.31
C GLU A 79 51.07 23.74 11.13
N VAL A 80 50.48 23.51 9.97
CA VAL A 80 49.71 22.27 9.77
C VAL A 80 50.02 21.57 8.46
N ILE A 81 49.68 20.29 8.40
CA ILE A 81 49.59 19.59 7.11
C ILE A 81 48.09 19.46 6.84
N ALA A 82 47.69 19.77 5.61
CA ALA A 82 46.29 19.71 5.20
C ALA A 82 46.11 18.64 4.14
N LEU A 83 45.29 17.64 4.46
CA LEU A 83 45.04 16.52 3.55
C LEU A 83 43.71 16.74 2.83
N VAL A 84 43.73 16.62 1.51
CA VAL A 84 42.55 16.89 0.68
C VAL A 84 41.89 15.61 0.18
N PHE A 85 40.63 15.41 0.57
CA PHE A 85 39.84 14.27 0.09
C PHE A 85 38.81 14.76 -0.92
N ARG A 86 38.66 14.02 -2.02
CA ARG A 86 37.92 14.58 -3.15
C ARG A 86 36.48 14.07 -3.43
N ALA A 87 36.28 13.31 -4.51
CA ALA A 87 34.93 13.17 -5.07
C ALA A 87 33.98 12.36 -4.19
N PRO A 88 33.79 11.04 -4.46
CA PRO A 88 33.21 10.17 -3.43
C PRO A 88 34.28 9.49 -2.56
N ARG A 89 35.55 9.80 -2.84
CA ARG A 89 36.67 9.08 -2.27
C ARG A 89 37.11 9.66 -0.93
N SER A 90 36.32 9.43 0.11
CA SER A 90 36.60 9.91 1.46
C SER A 90 35.67 9.22 2.45
N PHE A 91 35.97 9.32 3.75
CA PHE A 91 35.17 8.66 4.78
C PHE A 91 33.68 8.93 4.65
N THR A 92 33.30 10.20 4.49
CA THR A 92 31.89 10.60 4.41
C THR A 92 31.38 10.64 2.98
N ALA A 93 32.23 10.25 2.03
CA ALA A 93 31.92 10.28 0.59
C ALA A 93 31.66 11.67 0.02
N GLU A 94 31.59 12.68 0.89
CA GLU A 94 31.58 14.08 0.46
C GLU A 94 33.01 14.55 0.47
N GLN A 95 33.27 15.72 -0.08
CA GLN A 95 34.62 16.25 -0.01
C GLN A 95 34.93 16.73 1.39
N MET A 96 36.11 16.36 1.88
CA MET A 96 36.54 16.76 3.19
C MET A 96 38.02 17.12 3.20
N VAL A 97 38.43 17.83 4.25
CA VAL A 97 39.84 18.08 4.51
C VAL A 97 40.14 17.88 6.00
N GLU A 98 41.25 17.20 6.30
CA GLU A 98 41.70 17.01 7.66
C GLU A 98 43.00 17.76 7.89
N PHE A 99 42.94 18.81 8.71
CA PHE A 99 44.14 19.50 9.15
C PHE A 99 44.73 18.74 10.32
N THR A 100 45.90 18.15 10.10
CA THR A 100 46.69 17.59 11.20
C THR A 100 47.68 18.65 11.72
N CYS A 101 47.59 18.95 13.01
CA CYS A 101 48.29 20.07 13.62
C CYS A 101 48.92 19.68 14.96
N HIS A 102 49.51 20.64 15.67
CA HIS A 102 50.21 20.37 16.92
C HIS A 102 49.27 19.93 18.02
N GLY A 103 49.64 18.88 18.72
CA GLY A 103 48.71 18.18 19.63
C GLY A 103 48.40 18.81 20.98
N GLY A 104 48.32 20.14 21.02
CA GLY A 104 48.03 20.84 22.26
C GLY A 104 46.58 21.28 22.35
N PRO A 105 45.92 20.99 23.49
CA PRO A 105 44.54 21.38 23.78
C PRO A 105 44.22 22.83 23.36
N VAL A 106 45.04 23.78 23.81
CA VAL A 106 44.89 25.19 23.41
C VAL A 106 44.95 25.38 21.90
N VAL A 107 45.94 24.77 21.25
CA VAL A 107 46.15 24.93 19.82
C VAL A 107 45.01 24.31 19.04
N VAL A 108 44.78 23.03 19.30
CA VAL A 108 43.74 22.27 18.61
C VAL A 108 42.36 22.91 18.80
N GLY A 109 42.11 23.42 20.02
CA GLY A 109 40.87 24.11 20.32
C GLY A 109 40.73 25.36 19.49
N ARG A 110 41.85 26.09 19.35
CA ARG A 110 41.88 27.33 18.58
C ARG A 110 41.78 27.08 17.08
N VAL A 111 42.25 25.91 16.65
CA VAL A 111 42.11 25.45 15.26
C VAL A 111 40.65 25.15 14.93
N LEU A 112 39.96 24.50 15.86
CA LEU A 112 38.54 24.18 15.69
C LEU A 112 37.69 25.43 15.53
N ARG A 113 37.90 26.41 16.42
CA ARG A 113 37.14 27.64 16.39
C ARG A 113 37.38 28.40 15.08
N LEU A 114 38.57 28.28 14.51
CA LEU A 114 38.88 28.91 13.24
C LEU A 114 37.98 28.36 12.14
N MET A 115 37.72 27.04 12.20
CA MET A 115 36.82 26.38 11.24
C MET A 115 35.38 26.77 11.50
N LEU A 116 35.01 26.82 12.77
CA LEU A 116 33.65 27.18 13.16
C LEU A 116 33.33 28.63 12.79
N ASP A 117 34.24 29.54 13.12
CA ASP A 117 34.07 30.96 12.81
C ASP A 117 34.04 31.23 11.31
N ASN A 118 34.54 30.29 10.52
CA ASN A 118 34.62 30.48 9.09
C ASN A 118 33.59 29.75 8.24
N GLY A 119 32.54 29.24 8.86
CA GLY A 119 31.43 28.66 8.12
C GLY A 119 31.01 27.26 8.48
N CYS A 120 31.81 26.56 9.30
CA CYS A 120 31.45 25.21 9.73
C CYS A 120 30.54 25.22 10.94
N ARG A 121 29.53 24.37 10.91
CA ARG A 121 28.73 24.10 12.08
C ARG A 121 29.44 22.97 12.80
N LEU A 122 29.40 22.95 14.12
CA LEU A 122 30.04 21.86 14.87
C LEU A 122 29.34 20.54 14.60
N ALA A 123 30.12 19.52 14.28
CA ALA A 123 29.57 18.20 14.03
C ALA A 123 28.81 17.66 15.24
N GLU A 124 27.81 16.84 14.97
CA GLU A 124 27.03 16.21 16.03
C GLU A 124 27.55 14.79 16.27
N PRO A 125 27.24 14.21 17.45
CA PRO A 125 27.64 12.85 17.76
C PRO A 125 27.44 11.91 16.58
N GLY A 126 28.54 11.31 16.12
CA GLY A 126 28.50 10.34 15.04
C GLY A 126 28.24 10.83 13.62
N GLU A 127 27.81 12.10 13.49
CA GLU A 127 27.47 12.71 12.19
C GLU A 127 28.37 12.26 11.02
N PHE A 128 29.69 12.22 11.25
CA PHE A 128 30.64 11.79 10.21
C PHE A 128 30.39 10.38 9.73
N THR A 129 30.31 9.44 10.68
CA THR A 129 30.05 8.04 10.36
C THR A 129 28.64 7.85 9.79
N ARG A 130 27.68 8.60 10.33
CA ARG A 130 26.30 8.58 9.81
C ARG A 130 26.29 8.93 8.32
N ARG A 131 27.00 9.99 7.94
CA ARG A 131 27.06 10.42 6.56
C ARG A 131 27.71 9.37 5.69
N ALA A 132 28.64 8.63 6.27
CA ALA A 132 29.31 7.54 5.58
C ALA A 132 28.27 6.52 5.18
N PHE A 133 27.39 6.19 6.12
CA PHE A 133 26.33 5.21 5.91
C PHE A 133 25.29 5.73 4.92
N LEU A 134 24.82 6.95 5.19
CA LEU A 134 23.81 7.62 4.39
C LEU A 134 24.21 7.77 2.92
N ASN A 135 25.49 8.01 2.64
CA ASN A 135 25.91 8.15 1.25
C ASN A 135 26.31 6.82 0.62
N GLY A 136 26.17 5.75 1.40
CA GLY A 136 26.34 4.39 0.88
C GLY A 136 27.76 3.85 0.72
N ARG A 137 28.74 4.49 1.37
CA ARG A 137 30.10 4.00 1.32
C ARG A 137 30.25 2.89 2.35
N ILE A 138 29.37 2.90 3.34
CA ILE A 138 29.38 1.92 4.40
C ILE A 138 27.94 1.47 4.68
N ASP A 139 27.74 0.22 5.11
CA ASP A 139 26.40 -0.21 5.54
C ASP A 139 26.26 -0.08 7.05
N LEU A 140 25.05 -0.21 7.57
CA LEU A 140 24.81 0.08 8.98
C LEU A 140 25.64 -0.81 9.93
N LEU A 141 25.92 -2.03 9.51
CA LEU A 141 26.76 -2.95 10.29
C LEU A 141 28.20 -2.44 10.41
N GLN A 142 28.74 -2.03 9.27
CA GLN A 142 30.09 -1.51 9.20
C GLN A 142 30.21 -0.18 9.97
N ALA A 143 29.19 0.66 9.86
CA ALA A 143 29.11 1.88 10.64
C ALA A 143 29.04 1.59 12.13
N GLU A 144 28.39 0.50 12.52
CA GLU A 144 28.36 0.12 13.92
C GLU A 144 29.75 -0.37 14.35
N ALA A 145 30.40 -1.10 13.45
CA ALA A 145 31.70 -1.72 13.71
C ALA A 145 32.80 -0.70 13.95
N ILE A 146 32.75 0.42 13.21
CA ILE A 146 33.71 1.50 13.36
C ILE A 146 33.73 2.03 14.80
N GLY A 147 32.54 2.34 15.32
CA GLY A 147 32.42 2.84 16.68
C GLY A 147 32.87 1.80 17.67
N GLU A 148 32.54 0.54 17.39
CA GLU A 148 32.89 -0.58 18.27
C GLU A 148 34.39 -0.81 18.35
N MET A 149 35.07 -0.64 17.21
CA MET A 149 36.51 -0.79 17.16
C MET A 149 37.25 0.28 17.96
N ILE A 150 36.79 1.53 17.85
CA ILE A 150 37.38 2.61 18.61
C ILE A 150 37.22 2.39 20.11
N HIS A 151 36.00 2.13 20.56
CA HIS A 151 35.71 2.00 21.99
C HIS A 151 36.04 0.63 22.58
N ALA A 152 36.45 -0.32 21.74
CA ALA A 152 36.80 -1.69 22.18
C ALA A 152 37.83 -1.71 23.30
N ARG A 153 37.75 -2.73 24.15
CA ARG A 153 38.62 -2.84 25.32
C ARG A 153 39.24 -4.23 25.49
N THR A 154 39.12 -5.05 24.45
CA THR A 154 39.59 -6.43 24.49
C THR A 154 40.20 -6.81 23.14
N GLU A 155 41.10 -7.77 23.17
CA GLU A 155 41.64 -8.35 21.94
C GLU A 155 40.47 -8.90 21.13
N SER A 156 39.61 -9.67 21.79
CA SER A 156 38.44 -10.24 21.14
C SER A 156 37.50 -9.16 20.65
N ALA A 157 37.19 -8.19 21.50
CA ALA A 157 36.30 -7.08 21.12
C ALA A 157 36.78 -6.37 19.86
N TYR A 158 38.07 -6.00 19.86
CA TYR A 158 38.74 -5.41 18.71
C TYR A 158 38.71 -6.32 17.48
N ARG A 159 39.09 -7.58 17.66
CA ARG A 159 39.13 -8.53 16.54
C ARG A 159 37.77 -8.71 15.86
N THR A 160 36.70 -8.73 16.67
CA THR A 160 35.33 -8.94 16.17
C THR A 160 34.89 -7.73 15.38
N ALA A 161 35.25 -6.55 15.87
CA ALA A 161 34.99 -5.29 15.18
C ALA A 161 35.63 -5.26 13.80
N VAL A 162 36.88 -5.73 13.73
CA VAL A 162 37.60 -5.81 12.45
C VAL A 162 36.85 -6.73 11.47
N SER A 163 36.45 -7.90 11.93
CA SER A 163 35.70 -8.85 11.11
C SER A 163 34.43 -8.21 10.55
N GLN A 164 33.78 -7.39 11.38
CA GLN A 164 32.50 -6.76 11.00
C GLN A 164 32.69 -5.55 10.11
N MET A 165 33.76 -4.79 10.37
CA MET A 165 34.12 -3.62 9.57
C MET A 165 34.54 -4.01 8.16
N LYS A 166 35.11 -5.20 8.02
CA LYS A 166 35.34 -5.84 6.71
C LYS A 166 34.01 -6.14 6.06
N GLY A 167 33.02 -6.47 6.88
CA GLY A 167 31.69 -6.83 6.41
C GLY A 167 31.47 -8.34 6.31
N ASP A 168 32.16 -9.09 7.16
CA ASP A 168 32.02 -10.55 7.21
C ASP A 168 30.58 -10.98 7.48
N LEU A 169 29.95 -10.36 8.48
CA LEU A 169 28.53 -10.59 8.75
C LEU A 169 27.71 -10.13 7.54
N SER A 170 28.13 -9.00 6.96
CA SER A 170 27.37 -8.36 5.89
C SER A 170 27.24 -9.23 4.64
N VAL A 171 28.34 -9.90 4.27
CA VAL A 171 28.32 -10.84 3.13
C VAL A 171 27.46 -12.06 3.47
N ARG A 172 27.54 -12.47 4.74
CA ARG A 172 26.79 -13.59 5.26
C ARG A 172 25.28 -13.30 5.21
N LEU A 173 24.91 -12.05 5.45
CA LEU A 173 23.50 -11.65 5.40
C LEU A 173 23.02 -11.50 3.98
N GLY A 174 23.75 -10.75 3.17
CA GLY A 174 23.43 -10.60 1.75
C GLY A 174 23.24 -11.96 1.08
N GLY A 175 23.82 -12.99 1.67
CA GLY A 175 23.62 -14.37 1.24
C GLY A 175 22.23 -14.88 1.54
N LEU A 176 21.73 -14.56 2.74
CA LEU A 176 20.35 -14.88 3.12
C LEU A 176 19.36 -13.96 2.40
N ARG A 177 19.72 -12.68 2.24
CA ARG A 177 18.89 -11.70 1.55
C ARG A 177 18.49 -12.19 0.17
N GLU A 178 19.47 -12.71 -0.58
CA GLU A 178 19.21 -13.20 -1.92
C GLU A 178 18.58 -14.59 -1.92
N GLN A 179 18.74 -15.32 -0.82
CA GLN A 179 18.09 -16.62 -0.65
C GLN A 179 16.60 -16.41 -0.41
N LEU A 180 16.27 -15.41 0.42
CA LEU A 180 14.89 -15.04 0.68
C LEU A 180 14.25 -14.49 -0.59
N ILE A 181 14.96 -13.62 -1.30
CA ILE A 181 14.50 -13.09 -2.58
C ILE A 181 14.13 -14.20 -3.56
N ARG A 182 14.90 -15.29 -3.54
CA ARG A 182 14.69 -16.45 -4.40
C ARG A 182 13.50 -17.27 -3.91
N SER A 183 13.42 -17.43 -2.59
CA SER A 183 12.34 -18.20 -1.99
C SER A 183 11.05 -17.41 -2.06
N CYS A 184 11.16 -16.10 -1.88
CA CYS A 184 10.02 -15.19 -1.95
C CYS A 184 9.37 -15.25 -3.33
N ALA A 185 10.19 -15.12 -4.37
CA ALA A 185 9.71 -15.07 -5.76
C ALA A 185 9.18 -16.42 -6.30
N LEU A 186 9.38 -17.50 -5.54
CA LEU A 186 8.87 -18.80 -5.92
C LEU A 186 7.36 -18.88 -5.67
N ILE A 187 6.93 -18.47 -4.48
CA ILE A 187 5.50 -18.42 -4.14
C ILE A 187 4.79 -17.31 -4.90
N GLU A 188 5.46 -16.16 -5.05
CA GLU A 188 4.90 -15.04 -5.81
C GLU A 188 4.65 -15.42 -7.29
N LEU A 189 5.19 -16.57 -7.72
CA LEU A 189 4.92 -17.12 -9.05
C LEU A 189 3.72 -18.06 -8.99
N GLU A 190 3.58 -18.72 -7.84
CA GLU A 190 2.42 -19.56 -7.55
C GLU A 190 1.14 -18.72 -7.45
N LEU A 191 1.30 -17.46 -7.04
CA LEU A 191 0.17 -16.51 -6.90
C LEU A 191 -0.09 -15.69 -8.16
N ASP A 192 0.67 -15.94 -9.23
CA ASP A 192 0.36 -15.40 -10.55
C ASP A 192 -0.57 -16.41 -11.22
N PHE A 193 -0.16 -17.67 -11.19
CA PHE A 193 -1.01 -18.83 -11.52
C PHE A 193 -2.07 -18.64 -12.61
N SER A 194 -3.33 -18.92 -12.26
CA SER A 194 -4.48 -18.96 -13.17
C SER A 194 -4.73 -20.38 -13.73
N GLU A 195 -3.69 -21.21 -13.67
CA GLU A 195 -3.71 -22.64 -14.04
C GLU A 195 -2.28 -23.18 -14.12
N GLU A 196 -1.33 -22.41 -13.56
CA GLU A 196 0.11 -22.65 -13.73
C GLU A 196 0.71 -23.73 -12.82
N ASP A 197 0.48 -25.00 -13.19
CA ASP A 197 1.13 -26.15 -12.55
C ASP A 197 2.13 -26.80 -13.52
N VAL A 198 3.38 -26.34 -13.46
CA VAL A 198 4.44 -26.74 -14.40
C VAL A 198 5.32 -27.86 -13.82
N GLU A 199 4.69 -28.92 -13.32
CA GLU A 199 5.37 -30.03 -12.62
C GLU A 199 6.46 -29.51 -11.65
N PHE A 200 7.67 -30.06 -11.73
CA PHE A 200 8.84 -29.65 -10.91
C PHE A 200 8.45 -28.96 -9.59
N GLN A 201 7.70 -29.70 -8.76
CA GLN A 201 6.96 -29.21 -7.58
C GLN A 201 7.48 -27.95 -6.84
N SER A 202 6.53 -27.11 -6.46
CA SER A 202 6.81 -25.89 -5.69
C SER A 202 6.90 -26.14 -4.18
N ARG A 203 6.00 -26.97 -3.67
CA ARG A 203 5.85 -27.18 -2.22
C ARG A 203 7.01 -27.88 -1.52
N ASP A 204 7.55 -28.93 -2.14
CA ASP A 204 8.69 -29.67 -1.59
C ASP A 204 9.98 -28.85 -1.68
N GLU A 205 10.26 -28.30 -2.87
CA GLU A 205 11.46 -27.51 -3.12
C GLU A 205 11.57 -26.30 -2.18
N LEU A 206 10.44 -25.76 -1.76
CA LEU A 206 10.40 -24.56 -0.93
C LEU A 206 10.50 -24.85 0.57
N THR A 207 9.81 -25.87 1.04
CA THR A 207 9.86 -26.23 2.47
C THR A 207 11.29 -26.42 2.93
N MET A 208 12.12 -26.99 2.06
CA MET A 208 13.54 -27.13 2.33
C MET A 208 14.30 -25.80 2.24
N GLN A 209 13.99 -24.99 1.23
CA GLN A 209 14.57 -23.65 1.09
C GLN A 209 14.36 -22.81 2.34
N ILE A 210 13.19 -22.95 2.95
CA ILE A 210 12.89 -22.26 4.21
C ILE A 210 13.70 -22.88 5.33
N GLU A 211 13.83 -24.21 5.33
CA GLU A 211 14.55 -24.93 6.39
C GLU A 211 16.05 -24.70 6.39
N THR A 212 16.64 -24.65 5.19
CA THR A 212 18.03 -24.26 5.02
C THR A 212 18.24 -22.87 5.61
N LEU A 213 17.40 -21.91 5.20
CA LEU A 213 17.45 -20.53 5.69
C LEU A 213 17.14 -20.38 7.17
N ARG A 214 16.51 -21.38 7.77
CA ARG A 214 16.15 -21.26 9.17
C ARG A 214 17.28 -21.64 10.10
N SER A 215 17.98 -22.74 9.80
CA SER A 215 19.13 -23.16 10.60
C SER A 215 20.33 -22.27 10.30
N GLU A 216 20.26 -21.59 9.15
CA GLU A 216 21.19 -20.54 8.80
C GLU A 216 21.06 -19.37 9.77
N VAL A 217 19.82 -18.92 9.97
CA VAL A 217 19.52 -17.79 10.84
C VAL A 217 19.65 -18.17 12.31
N ASN A 218 19.18 -19.36 12.67
CA ASN A 218 19.26 -19.82 14.05
C ASN A 218 20.69 -19.94 14.57
N ARG A 219 21.60 -20.38 13.70
CA ARG A 219 23.04 -20.44 14.01
C ARG A 219 23.52 -19.07 14.45
N LEU A 220 23.18 -18.04 13.66
CA LEU A 220 23.55 -16.67 13.96
C LEU A 220 22.92 -16.15 15.24
N ILE A 221 21.72 -16.64 15.58
CA ILE A 221 21.05 -16.24 16.82
C ILE A 221 21.82 -16.77 18.04
N ASP A 222 22.43 -17.95 17.90
CA ASP A 222 23.22 -18.56 18.97
C ASP A 222 24.53 -17.85 19.22
N SER A 223 25.05 -17.15 18.21
CA SER A 223 26.28 -16.40 18.33
C SER A 223 26.18 -15.34 19.40
N TYR A 224 25.01 -14.71 19.52
CA TYR A 224 24.80 -13.62 20.48
C TYR A 224 25.07 -14.07 21.91
N GLN A 225 24.60 -15.27 22.23
CA GLN A 225 24.89 -15.94 23.50
C GLN A 225 26.34 -15.66 23.91
N HIS A 226 27.27 -15.86 22.97
CA HIS A 226 28.70 -15.62 23.20
C HIS A 226 29.12 -14.17 22.90
N GLY A 227 28.76 -13.67 21.73
CA GLY A 227 29.14 -12.34 21.27
C GLY A 227 28.82 -11.19 22.20
N ARG A 228 27.77 -11.33 23.00
CA ARG A 228 27.40 -10.30 23.97
C ARG A 228 28.50 -10.14 25.02
N ILE A 229 29.02 -11.27 25.49
CA ILE A 229 30.11 -11.30 26.45
C ILE A 229 31.36 -10.68 25.82
N VAL A 230 31.57 -10.90 24.52
CA VAL A 230 32.70 -10.33 23.79
C VAL A 230 32.58 -8.81 23.69
N SER A 231 31.34 -8.35 23.47
CA SER A 231 31.04 -6.94 23.28
C SER A 231 31.08 -6.12 24.56
N GLU A 232 30.36 -6.55 25.58
CA GLU A 232 30.21 -5.78 26.83
C GLU A 232 30.59 -6.56 28.10
N GLY A 233 31.26 -7.69 27.90
CA GLY A 233 31.86 -8.43 28.99
C GLY A 233 30.87 -9.20 29.79
N VAL A 234 31.26 -9.41 31.03
CA VAL A 234 30.45 -10.16 31.92
C VAL A 234 29.93 -9.21 32.98
N SER A 235 28.61 -9.04 32.99
CA SER A 235 27.97 -8.20 33.98
C SER A 235 28.00 -8.91 35.33
N THR A 236 28.81 -8.37 36.23
CA THR A 236 29.01 -8.96 37.54
C THR A 236 28.51 -8.02 38.63
N VAL A 237 27.71 -8.55 39.54
CA VAL A 237 27.19 -7.76 40.65
C VAL A 237 27.85 -8.19 41.95
N ILE A 238 28.40 -7.21 42.67
CA ILE A 238 28.94 -7.46 44.00
C ILE A 238 27.87 -7.15 45.04
N ALA A 239 27.31 -8.20 45.65
CA ALA A 239 26.28 -8.04 46.66
C ALA A 239 26.78 -8.45 48.03
N GLY A 240 26.25 -7.82 49.07
CA GLY A 240 26.67 -8.14 50.44
C GLY A 240 25.74 -7.65 51.53
N LYS A 241 26.32 -7.00 52.53
CA LYS A 241 25.61 -6.52 53.70
C LYS A 241 26.11 -5.11 54.00
N PRO A 242 25.39 -4.37 54.87
CA PRO A 242 26.02 -3.14 55.39
C PRO A 242 27.39 -3.44 56.02
N ASN A 243 28.44 -2.80 55.48
CA ASN A 243 29.83 -3.00 55.90
C ASN A 243 30.36 -4.43 55.74
N ALA A 244 30.32 -4.91 54.49
CA ALA A 244 30.95 -6.17 54.11
C ALA A 244 32.23 -5.89 53.32
N GLY A 245 32.42 -4.63 52.94
CA GLY A 245 33.60 -4.20 52.22
C GLY A 245 33.40 -4.16 50.71
N LYS A 246 32.20 -3.81 50.28
CA LYS A 246 31.86 -3.81 48.86
C LYS A 246 32.59 -2.73 48.07
N SER A 247 32.58 -1.50 48.60
CA SER A 247 33.24 -0.35 47.96
C SER A 247 34.75 -0.57 47.84
N THR A 248 35.37 -1.05 48.91
CA THR A 248 36.81 -1.29 48.93
C THR A 248 37.25 -2.39 47.97
N LEU A 249 36.38 -3.39 47.77
CA LEU A 249 36.65 -4.45 46.79
C LEU A 249 36.56 -3.92 45.37
N LEU A 250 35.47 -3.18 45.10
CA LEU A 250 35.22 -2.59 43.79
C LEU A 250 36.40 -1.72 43.36
N ASN A 251 36.88 -0.88 44.28
CA ASN A 251 37.94 0.06 44.00
C ASN A 251 39.31 -0.58 43.69
N THR A 252 39.66 -1.63 44.42
CA THR A 252 40.93 -2.34 44.20
C THR A 252 40.89 -3.22 42.95
N LEU A 253 39.69 -3.63 42.55
CA LEU A 253 39.52 -4.40 41.34
C LEU A 253 39.77 -3.57 40.07
N LEU A 254 39.65 -2.25 40.17
CA LEU A 254 39.79 -1.37 39.00
C LEU A 254 41.13 -0.65 38.96
N GLU A 273 28.15 0.71 35.17
CA GLU A 273 29.28 1.54 35.60
C GLU A 273 30.63 0.90 35.26
N GLU A 274 31.71 1.55 35.68
CA GLU A 274 33.10 1.18 35.33
C GLU A 274 33.45 -0.30 35.53
N CYS A 275 34.46 -0.76 34.81
CA CYS A 275 34.78 -2.19 34.75
C CYS A 275 36.25 -2.49 34.41
N PHE A 276 36.69 -3.71 34.71
CA PHE A 276 38.08 -4.13 34.47
C PHE A 276 38.21 -5.26 33.45
N ILE A 277 39.45 -5.54 33.05
CA ILE A 277 39.78 -6.65 32.15
C ILE A 277 40.68 -7.63 32.88
N HIS A 278 40.47 -8.93 32.66
CA HIS A 278 41.34 -9.95 33.23
C HIS A 278 41.38 -11.20 32.36
N ASP A 279 42.60 -11.68 32.10
CA ASP A 279 42.83 -12.87 31.27
C ASP A 279 42.03 -12.79 29.97
N LYS A 280 42.26 -11.69 29.25
CA LYS A 280 41.52 -11.34 28.01
C LYS A 280 39.99 -11.55 28.05
N THR A 281 39.38 -11.26 29.19
CA THR A 281 37.92 -11.27 29.33
C THR A 281 37.51 -10.07 30.16
N MET A 282 36.56 -9.31 29.64
CA MET A 282 36.15 -8.05 30.26
C MET A 282 35.08 -8.30 31.30
N PHE A 283 35.13 -7.59 32.42
CA PHE A 283 34.16 -7.76 33.50
C PHE A 283 33.49 -6.43 33.81
N ARG A 284 32.16 -6.38 33.67
CA ARG A 284 31.39 -5.17 33.95
C ARG A 284 30.87 -5.18 35.37
N LEU A 285 31.48 -4.36 36.23
CA LEU A 285 31.05 -4.27 37.64
C LEU A 285 29.90 -3.30 37.83
N THR A 286 29.12 -3.50 38.90
CA THR A 286 27.91 -2.72 39.16
C THR A 286 27.33 -2.88 40.58
N ASP A 287 26.45 -1.94 40.96
CA ASP A 287 25.66 -1.99 42.20
C ASP A 287 24.26 -1.41 41.96
N MET A 308 18.42 -1.87 40.49
CA MET A 308 18.64 -3.31 40.67
C MET A 308 18.70 -3.99 39.30
N LYS A 309 19.85 -4.62 39.01
CA LYS A 309 20.00 -5.49 37.83
C LYS A 309 20.58 -6.84 38.24
N MET A 310 20.10 -7.35 39.36
CA MET A 310 20.52 -8.64 39.92
C MET A 310 20.13 -9.78 38.99
N ALA A 311 18.82 -9.91 38.73
CA ALA A 311 18.34 -10.84 37.70
C ALA A 311 18.88 -10.35 36.36
N GLU A 312 19.23 -11.30 35.50
CA GLU A 312 19.97 -11.02 34.25
C GLU A 312 21.38 -10.44 34.56
N ALA A 313 22.16 -11.22 35.32
CA ALA A 313 23.57 -10.95 35.56
C ALA A 313 24.31 -12.29 35.51
N ASP A 314 25.39 -12.34 34.75
CA ASP A 314 26.10 -13.59 34.48
C ASP A 314 26.80 -14.14 35.73
N LEU A 315 27.44 -13.25 36.48
CA LEU A 315 28.20 -13.65 37.66
C LEU A 315 27.83 -12.81 38.89
N ILE A 316 27.45 -13.49 39.96
CA ILE A 316 27.10 -12.85 41.22
C ILE A 316 28.18 -13.18 42.24
N LEU A 317 28.82 -12.14 42.79
CA LEU A 317 29.79 -12.32 43.87
C LEU A 317 29.16 -11.88 45.18
N TYR A 318 29.01 -12.82 46.11
CA TYR A 318 28.46 -12.49 47.42
C TYR A 318 29.56 -12.29 48.46
N LEU A 319 29.65 -11.08 48.97
CA LEU A 319 30.68 -10.67 49.88
C LEU A 319 30.12 -10.59 51.31
N LEU A 320 30.81 -11.22 52.26
CA LEU A 320 30.40 -11.20 53.67
C LEU A 320 31.60 -10.87 54.56
N ASP A 321 31.35 -10.20 55.68
CA ASP A 321 32.45 -9.86 56.61
C ASP A 321 32.84 -11.08 57.43
N LEU A 322 33.89 -11.75 56.98
CA LEU A 322 34.29 -13.04 57.53
C LEU A 322 34.41 -13.00 59.04
N GLY A 323 33.57 -13.80 59.69
CA GLY A 323 33.51 -13.87 61.14
C GLY A 323 32.85 -12.64 61.73
N THR A 324 33.41 -11.47 61.41
CA THR A 324 33.03 -10.21 62.05
C THR A 324 31.54 -9.84 61.86
N GLU A 325 30.84 -10.54 60.97
CA GLU A 325 29.40 -10.38 60.82
C GLU A 325 28.71 -10.76 62.11
N ARG A 326 27.99 -9.80 62.69
CA ARG A 326 27.39 -9.96 64.03
C ARG A 326 26.48 -11.18 64.16
N LEU A 327 25.68 -11.42 63.11
CA LEU A 327 24.85 -12.60 63.02
C LEU A 327 25.33 -13.39 61.83
N ASP A 328 26.02 -14.49 62.08
CA ASP A 328 26.75 -15.15 61.02
C ASP A 328 25.94 -16.18 60.27
N ASP A 329 24.98 -16.83 60.94
CA ASP A 329 24.20 -17.88 60.27
C ASP A 329 23.29 -17.32 59.17
N GLU A 330 23.64 -16.13 58.70
CA GLU A 330 23.07 -15.53 57.49
C GLU A 330 23.89 -15.98 56.29
N LEU A 331 24.04 -17.28 56.20
CA LEU A 331 24.47 -17.96 55.00
C LEU A 331 23.24 -18.61 54.37
N THR A 332 22.10 -18.45 55.04
CA THR A 332 20.78 -18.77 54.45
C THR A 332 20.50 -17.71 53.41
N GLU A 333 20.81 -16.47 53.77
CA GLU A 333 20.68 -15.31 52.90
C GLU A 333 21.47 -15.51 51.60
N ILE A 334 22.64 -16.13 51.69
CA ILE A 334 23.49 -16.37 50.53
C ILE A 334 23.03 -17.61 49.75
N ARG A 335 22.33 -18.51 50.42
CA ARG A 335 21.80 -19.70 49.75
C ARG A 335 20.57 -19.34 48.93
N GLU A 336 19.79 -18.40 49.47
CA GLU A 336 18.56 -17.94 48.83
C GLU A 336 18.83 -17.20 47.54
N LEU A 337 19.88 -16.37 47.53
CA LEU A 337 20.26 -15.64 46.31
C LEU A 337 20.72 -16.58 45.21
N LYS A 338 21.50 -17.60 45.57
CA LYS A 338 21.94 -18.62 44.62
C LYS A 338 20.73 -19.39 44.06
N ALA A 339 19.73 -19.62 44.90
CA ALA A 339 18.49 -20.29 44.50
C ALA A 339 17.55 -19.36 43.75
N ALA A 340 17.79 -18.06 43.87
CA ALA A 340 16.97 -17.04 43.22
C ALA A 340 17.45 -16.69 41.81
N HIS A 341 18.70 -17.03 41.50
CA HIS A 341 19.25 -16.77 40.18
C HIS A 341 20.09 -17.96 39.69
N PRO A 342 19.41 -19.04 39.26
CA PRO A 342 20.09 -20.25 38.78
C PRO A 342 20.78 -20.03 37.44
N ALA A 343 20.36 -19.00 36.70
CA ALA A 343 20.98 -18.68 35.43
C ALA A 343 22.42 -18.14 35.59
N ALA A 344 22.76 -17.70 36.79
CA ALA A 344 24.06 -17.06 37.05
C ALA A 344 25.11 -18.03 37.56
N LYS A 345 26.37 -17.64 37.42
CA LYS A 345 27.44 -18.26 38.21
C LYS A 345 27.57 -17.52 39.53
N PHE A 346 27.86 -18.25 40.60
CA PHE A 346 27.88 -17.70 41.95
C PHE A 346 29.20 -17.98 42.65
N LEU A 347 29.74 -16.99 43.35
CA LEU A 347 30.92 -17.17 44.19
C LEU A 347 30.74 -16.42 45.49
N THR A 348 30.98 -17.10 46.61
CA THR A 348 30.95 -16.42 47.90
C THR A 348 32.34 -15.92 48.20
N VAL A 349 32.43 -14.66 48.56
CA VAL A 349 33.72 -14.04 48.85
C VAL A 349 33.77 -13.62 50.31
N ALA A 350 34.55 -14.37 51.08
CA ALA A 350 34.77 -14.08 52.50
C ALA A 350 35.83 -13.00 52.65
N ASN A 351 35.37 -11.79 52.96
CA ASN A 351 36.22 -10.60 53.04
C ASN A 351 36.80 -10.37 54.44
N LYS A 352 37.81 -9.50 54.51
CA LYS A 352 38.51 -9.16 55.76
C LYS A 352 39.15 -10.41 56.36
N LEU A 353 40.00 -11.04 55.58
CA LEU A 353 40.71 -12.26 55.97
C LEU A 353 41.86 -11.93 56.90
N ASP A 354 42.25 -10.66 56.93
CA ASP A 354 43.35 -10.18 57.74
C ASP A 354 42.98 -9.93 59.20
N ARG A 355 41.72 -9.56 59.45
CA ARG A 355 41.24 -9.39 60.82
C ARG A 355 40.97 -10.72 61.51
N ALA A 356 40.68 -11.75 60.71
CA ALA A 356 40.22 -13.04 61.23
C ALA A 356 41.35 -14.01 61.51
N ALA A 357 41.27 -14.69 62.65
CA ALA A 357 42.29 -15.65 63.09
C ALA A 357 42.23 -16.96 62.29
N ASN A 358 41.58 -17.97 62.86
CA ASN A 358 41.33 -19.24 62.18
C ASN A 358 40.19 -19.10 61.17
N ALA A 359 40.58 -18.93 59.91
CA ALA A 359 39.65 -18.64 58.82
C ALA A 359 39.31 -19.89 58.00
N ASP A 360 40.22 -20.85 57.96
CA ASP A 360 40.04 -22.07 57.17
C ASP A 360 38.82 -22.87 57.60
N ALA A 361 38.53 -22.87 58.89
CA ALA A 361 37.35 -23.55 59.43
C ALA A 361 36.06 -22.75 59.16
N LEU A 362 36.17 -21.43 59.15
CA LEU A 362 35.03 -20.57 58.83
C LEU A 362 34.68 -20.58 57.35
N ILE A 363 35.69 -20.58 56.48
CA ILE A 363 35.49 -20.72 55.04
C ILE A 363 34.83 -22.05 54.72
N ARG A 364 35.39 -23.14 55.24
CA ARG A 364 34.86 -24.47 54.99
C ARG A 364 33.41 -24.57 55.47
N ALA A 365 33.11 -23.92 56.58
CA ALA A 365 31.75 -23.87 57.13
C ALA A 365 30.76 -23.19 56.18
N ILE A 366 31.10 -21.96 55.78
CA ILE A 366 30.27 -21.20 54.84
C ILE A 366 30.06 -22.01 53.55
N ALA A 367 31.12 -22.62 53.04
CA ALA A 367 31.06 -23.47 51.86
C ALA A 367 30.11 -24.64 52.03
N ASP A 368 30.10 -25.22 53.22
CA ASP A 368 29.23 -26.37 53.53
C ASP A 368 27.76 -25.95 53.57
N GLY A 369 27.45 -24.97 54.42
CA GLY A 369 26.06 -24.57 54.69
C GLY A 369 25.39 -23.68 53.66
N THR A 370 25.98 -23.59 52.46
CA THR A 370 25.40 -22.80 51.37
C THR A 370 25.47 -23.56 50.05
N GLY A 371 26.42 -24.49 49.96
CA GLY A 371 26.61 -25.26 48.74
C GLY A 371 27.18 -24.40 47.62
N THR A 372 28.04 -23.46 48.00
CA THR A 372 28.77 -22.62 47.05
C THR A 372 30.27 -22.76 47.26
N GLU A 373 31.04 -22.17 46.35
CA GLU A 373 32.48 -22.12 46.48
C GLU A 373 32.85 -20.81 47.18
N VAL A 374 33.76 -20.89 48.16
CA VAL A 374 34.14 -19.70 48.93
C VAL A 374 35.59 -19.32 48.71
N ILE A 375 35.82 -18.06 48.39
CA ILE A 375 37.16 -17.54 48.20
C ILE A 375 37.53 -16.56 49.33
N GLY A 376 38.70 -16.77 49.94
CA GLY A 376 39.18 -15.95 51.05
C GLY A 376 39.88 -14.69 50.58
N ILE A 377 39.45 -13.55 51.10
CA ILE A 377 39.85 -12.25 50.56
C ILE A 377 40.11 -11.20 51.63
N SER A 378 41.10 -10.34 51.39
CA SER A 378 41.23 -9.09 52.14
C SER A 378 41.28 -7.91 51.19
N ALA A 379 40.21 -7.11 51.18
CA ALA A 379 39.98 -6.09 50.16
C ALA A 379 40.89 -4.86 50.28
N LEU A 380 41.13 -4.37 51.49
CA LEU A 380 42.07 -3.27 51.68
C LEU A 380 43.52 -3.77 51.59
N ASN A 381 43.71 -5.01 52.01
CA ASN A 381 45.03 -5.66 52.04
C ASN A 381 45.43 -6.21 50.68
N GLY A 382 44.45 -6.38 49.80
CA GLY A 382 44.65 -6.91 48.44
C GLY A 382 45.18 -8.34 48.44
N ASP A 383 44.62 -9.18 49.30
CA ASP A 383 45.19 -10.49 49.58
C ASP A 383 44.43 -11.63 48.92
N GLY A 384 45.10 -12.30 47.98
CA GLY A 384 44.49 -13.39 47.23
C GLY A 384 43.43 -12.94 46.23
N ILE A 385 43.52 -11.67 45.83
CA ILE A 385 42.62 -11.12 44.81
C ILE A 385 42.89 -11.84 43.49
N ASP A 386 44.16 -12.10 43.23
CA ASP A 386 44.59 -12.83 42.02
C ASP A 386 44.07 -14.27 41.98
N THR A 387 43.72 -14.80 43.16
CA THR A 387 43.04 -16.09 43.25
C THR A 387 41.57 -15.92 42.88
N LEU A 388 40.98 -14.82 43.37
CA LEU A 388 39.59 -14.49 43.09
C LEU A 388 39.35 -14.34 41.59
N LYS A 389 40.23 -13.59 40.92
CA LYS A 389 40.09 -13.32 39.49
C LYS A 389 40.32 -14.58 38.64
N GLN A 390 41.23 -15.44 39.08
CA GLN A 390 41.47 -16.72 38.42
C GLN A 390 40.24 -17.64 38.56
N HIS A 391 39.47 -17.43 39.61
CA HIS A 391 38.19 -18.13 39.80
C HIS A 391 37.06 -17.44 39.07
N MET A 392 37.08 -16.10 39.07
CA MET A 392 36.07 -15.30 38.37
C MET A 392 36.04 -15.61 36.89
N GLY A 393 37.22 -15.78 36.31
CA GLY A 393 37.35 -16.08 34.90
C GLY A 393 37.13 -17.53 34.54
N ASP A 394 36.20 -18.19 35.22
CA ASP A 394 35.98 -19.62 34.99
C ASP A 394 34.62 -20.05 34.45
N LEU A 395 33.51 -19.45 34.87
CA LEU A 395 32.25 -19.78 34.17
C LEU A 395 32.09 -18.82 33.01
N VAL A 396 32.93 -17.79 33.01
CA VAL A 396 32.99 -16.87 31.89
C VAL A 396 33.68 -17.55 30.69
N LYS A 397 34.07 -18.81 30.88
CA LYS A 397 34.43 -19.70 29.78
C LYS A 397 33.21 -20.55 29.39
N ASN A 398 32.61 -20.23 28.23
CA ASN A 398 31.34 -20.83 27.79
C ASN A 398 31.43 -21.75 26.55
N LEU A 399 30.51 -22.72 26.47
CA LEU A 399 30.49 -23.73 25.39
C LEU A 399 29.96 -23.16 24.09
N GLU A 404 34.45 -20.90 17.95
CA GLU A 404 35.12 -21.73 16.94
C GLU A 404 35.08 -21.05 15.57
N ALA A 405 35.98 -20.10 15.31
CA ALA A 405 36.22 -19.65 13.92
C ALA A 405 35.15 -18.79 13.21
N SER A 406 33.89 -18.90 13.64
CA SER A 406 32.70 -18.61 12.82
C SER A 406 32.25 -17.19 13.19
N VAL A 407 31.42 -16.57 12.34
CA VAL A 407 30.95 -15.17 12.52
C VAL A 407 30.08 -14.99 13.77
N LEU A 408 30.31 -13.91 14.50
CA LEU A 408 29.58 -13.60 15.74
C LEU A 408 28.58 -12.46 15.56
N VAL A 409 27.53 -12.42 16.38
CA VAL A 409 26.68 -11.22 16.43
C VAL A 409 26.73 -10.48 17.79
N THR A 410 27.15 -9.22 17.74
CA THR A 410 27.20 -8.35 18.90
C THR A 410 25.82 -7.74 19.20
N SER A 411 25.78 -6.83 20.17
CA SER A 411 24.54 -6.32 20.82
C SER A 411 23.14 -6.34 20.12
N LEU A 412 22.14 -6.67 20.95
CA LEU A 412 20.77 -7.03 20.55
C LEU A 412 20.03 -5.96 19.80
N ARG A 413 20.03 -6.10 18.50
CA ARG A 413 19.16 -5.33 17.63
C ARG A 413 19.24 -6.26 16.45
N HIS A 414 20.47 -6.56 16.06
CA HIS A 414 20.75 -7.69 15.20
C HIS A 414 20.12 -8.94 15.79
N TYR A 415 20.42 -9.22 17.06
CA TYR A 415 19.85 -10.41 17.72
C TYR A 415 18.34 -10.41 17.62
N GLU A 416 17.72 -9.32 18.05
CA GLU A 416 16.26 -9.24 18.11
C GLU A 416 15.60 -9.33 16.74
N ALA A 417 16.20 -8.69 15.75
CA ALA A 417 15.67 -8.74 14.40
C ALA A 417 15.88 -10.10 13.76
N LEU A 418 16.91 -10.83 14.20
CA LEU A 418 17.16 -12.19 13.71
C LEU A 418 16.15 -13.16 14.31
N ARG A 419 15.66 -12.86 15.51
CA ARG A 419 14.64 -13.65 16.18
C ARG A 419 13.34 -13.56 15.38
N ASN A 420 12.90 -12.33 15.14
CA ASN A 420 11.72 -12.07 14.35
C ASN A 420 11.84 -12.70 12.98
N ALA A 421 13.02 -12.64 12.41
CA ALA A 421 13.28 -13.26 11.12
C ALA A 421 13.03 -14.76 11.20
N SER A 422 13.43 -15.37 12.32
CA SER A 422 13.29 -16.81 12.51
C SER A 422 11.85 -17.21 12.72
N ASP A 423 11.15 -16.42 13.56
CA ASP A 423 9.74 -16.63 13.83
C ASP A 423 8.91 -16.66 12.55
N ALA A 424 9.11 -15.64 11.72
CA ALA A 424 8.40 -15.51 10.46
C ALA A 424 8.77 -16.65 9.52
N LEU A 425 10.04 -17.01 9.50
CA LEU A 425 10.48 -18.15 8.69
C LEU A 425 9.79 -19.42 9.14
N GLN A 426 9.62 -19.56 10.45
CA GLN A 426 9.02 -20.75 11.02
C GLN A 426 7.49 -20.69 10.99
N ASN A 427 6.94 -19.48 11.01
CA ASN A 427 5.52 -19.27 10.74
C ASN A 427 5.19 -19.75 9.33
N ALA A 428 6.02 -19.35 8.37
CA ALA A 428 5.85 -19.71 6.97
C ALA A 428 6.03 -21.19 6.78
N LEU A 429 6.93 -21.78 7.56
CA LEU A 429 7.29 -23.19 7.46
C LEU A 429 6.13 -24.07 7.89
N GLU A 430 5.52 -23.69 9.00
CA GLU A 430 4.37 -24.36 9.60
C GLU A 430 3.11 -24.15 8.77
N LEU A 431 3.01 -22.98 8.17
CA LEU A 431 1.88 -22.58 7.35
C LEU A 431 1.73 -23.46 6.11
N ILE A 432 2.84 -24.00 5.62
CA ILE A 432 2.85 -24.91 4.46
C ILE A 432 2.35 -26.28 4.90
N ALA A 433 2.83 -26.72 6.06
CA ALA A 433 2.43 -28.01 6.65
C ALA A 433 0.93 -28.03 6.95
N HIS A 434 0.36 -26.87 7.24
CA HIS A 434 -1.07 -26.72 7.47
C HIS A 434 -1.86 -26.38 6.19
N GLU A 435 -1.18 -26.40 5.04
CA GLU A 435 -1.79 -26.19 3.72
C GLU A 435 -2.59 -24.89 3.54
N SER A 436 -2.09 -23.77 4.09
CA SER A 436 -2.82 -22.51 3.98
C SER A 436 -2.46 -21.70 2.73
N GLU A 437 -3.23 -20.62 2.50
CA GLU A 437 -3.13 -19.82 1.28
C GLU A 437 -1.72 -19.31 1.00
N THR A 438 -1.37 -19.24 -0.28
CA THR A 438 -0.07 -18.73 -0.71
C THR A 438 0.12 -17.28 -0.28
N GLU A 439 -0.96 -16.51 -0.28
CA GLU A 439 -0.90 -15.10 0.12
C GLU A 439 -0.29 -14.93 1.52
N LEU A 440 -0.70 -15.79 2.44
CA LEU A 440 -0.22 -15.74 3.82
C LEU A 440 1.23 -16.22 3.96
N ILE A 441 1.62 -17.19 3.15
CA ILE A 441 2.97 -17.75 3.18
C ILE A 441 3.98 -16.79 2.58
N ALA A 442 3.65 -16.21 1.42
CA ALA A 442 4.49 -15.20 0.78
C ALA A 442 4.61 -13.94 1.65
N PHE A 443 3.63 -13.73 2.53
CA PHE A 443 3.59 -12.54 3.37
C PHE A 443 4.46 -12.64 4.61
N GLU A 444 4.88 -13.86 4.93
CA GLU A 444 5.81 -14.10 6.03
C GLU A 444 7.24 -14.01 5.56
N LEU A 445 7.48 -14.50 4.35
CA LEU A 445 8.79 -14.39 3.71
C LEU A 445 9.15 -12.91 3.47
N ARG A 446 8.16 -12.11 3.11
CA ARG A 446 8.34 -10.67 3.00
C ARG A 446 8.75 -10.10 4.36
N ALA A 447 8.07 -10.52 5.42
CA ALA A 447 8.37 -10.04 6.76
C ALA A 447 9.77 -10.45 7.22
N ALA A 448 10.17 -11.67 6.87
CA ALA A 448 11.49 -12.18 7.21
C ALA A 448 12.58 -11.35 6.57
N LEU A 449 12.45 -11.17 5.25
CA LEU A 449 13.37 -10.38 4.46
C LEU A 449 13.50 -8.96 4.98
N ASP A 450 12.36 -8.38 5.36
CA ASP A 450 12.35 -7.02 5.88
C ASP A 450 13.13 -6.89 7.20
N TYR A 451 13.09 -7.95 8.00
CA TYR A 451 13.83 -7.97 9.26
C TYR A 451 15.32 -8.09 9.01
N VAL A 452 15.72 -8.95 8.07
CA VAL A 452 17.14 -9.15 7.75
C VAL A 452 17.72 -7.84 7.21
N GLY A 453 16.97 -7.19 6.32
CA GLY A 453 17.37 -5.90 5.77
C GLY A 453 17.46 -4.82 6.84
N GLN A 454 16.60 -4.94 7.84
CA GLN A 454 16.58 -4.01 8.95
C GLN A 454 17.96 -3.88 9.61
N ILE A 455 18.72 -4.96 9.69
CA ILE A 455 19.95 -4.92 10.46
C ILE A 455 21.08 -4.27 9.68
N THR A 456 21.06 -4.39 8.35
CA THR A 456 22.07 -3.72 7.51
C THR A 456 21.64 -2.32 7.08
N GLY A 457 20.60 -1.80 7.73
CA GLY A 457 20.09 -0.47 7.39
C GLY A 457 19.30 -0.39 6.10
N LYS A 458 19.15 -1.51 5.39
CA LYS A 458 18.38 -1.59 4.13
C LYS A 458 17.00 -0.98 4.30
N VAL A 459 16.39 -1.22 5.46
CA VAL A 459 15.19 -0.51 5.84
C VAL A 459 15.59 0.48 6.94
N VAL A 460 15.62 1.77 6.57
CA VAL A 460 16.03 2.84 7.49
C VAL A 460 14.94 3.08 8.54
N ASN A 461 15.33 3.61 9.69
CA ASN A 461 14.36 3.96 10.72
C ASN A 461 14.47 5.41 11.14
N GLU A 462 15.71 5.92 11.14
CA GLU A 462 16.03 7.29 11.54
C GLU A 462 15.59 7.63 12.97
N GLU A 463 15.38 6.59 13.77
CA GLU A 463 15.23 6.72 15.22
C GLU A 463 16.08 5.63 15.80
N VAL A 464 16.21 4.55 15.02
CA VAL A 464 17.23 3.54 15.25
C VAL A 464 18.58 4.19 14.94
N LEU A 465 18.65 4.91 13.82
CA LEU A 465 19.85 5.65 13.45
C LEU A 465 20.32 6.59 14.56
N ASN A 466 19.38 7.13 15.33
CA ASN A 466 19.74 8.02 16.42
C ASN A 466 20.28 7.31 17.64
N THR A 467 19.60 6.25 18.07
CA THR A 467 20.03 5.52 19.26
C THR A 467 21.39 4.85 19.04
N ILE A 468 21.74 4.67 17.77
CA ILE A 468 23.06 4.18 17.38
C ILE A 468 24.11 5.31 17.45
N PHE A 469 23.89 6.37 16.68
CA PHE A 469 24.88 7.41 16.50
C PHE A 469 24.92 8.45 17.62
N ASP A 470 24.03 8.32 18.61
CA ASP A 470 24.10 9.20 19.78
C ASP A 470 25.20 8.73 20.74
N LYS A 471 25.49 7.44 20.68
CA LYS A 471 26.56 6.83 21.47
C LYS A 471 27.94 7.21 20.93
N PHE A 472 27.98 7.73 19.70
CA PHE A 472 29.22 8.05 19.04
C PHE A 472 29.82 9.36 19.54
N CYS A 473 31.14 9.40 19.67
CA CYS A 473 31.86 10.60 20.13
C CYS A 473 31.78 11.68 19.04
N ILE A 474 31.76 12.95 19.45
CA ILE A 474 31.70 14.05 18.48
C ILE A 474 32.94 14.05 17.58
N GLY A 475 32.74 13.59 16.34
CA GLY A 475 33.81 13.55 15.35
C GLY A 475 33.94 12.20 14.68
N LYS A 476 32.80 11.52 14.47
CA LYS A 476 32.73 10.11 14.02
C LYS A 476 32.79 9.15 15.20
N SER B 7 -3.27 -15.13 17.42
CA SER B 7 -2.72 -15.48 16.06
C SER B 7 -1.84 -14.34 15.49
N ASP B 8 -0.56 -14.36 15.85
CA ASP B 8 0.41 -13.33 15.46
C ASP B 8 1.27 -13.70 14.25
N LEU B 9 1.13 -12.92 13.18
CA LEU B 9 1.81 -13.21 11.93
C LEU B 9 2.53 -11.99 11.35
N HIS B 10 3.12 -11.17 12.21
CA HIS B 10 3.88 -9.99 11.76
C HIS B 10 3.07 -9.15 10.76
N LEU B 11 1.85 -8.78 11.18
CA LEU B 11 0.97 -7.95 10.37
C LEU B 11 1.41 -6.50 10.44
N PRO B 12 1.50 -5.84 9.28
CA PRO B 12 1.89 -4.43 9.27
C PRO B 12 0.94 -3.61 10.14
N VAL B 13 1.48 -2.78 11.02
CA VAL B 13 0.66 -1.96 11.93
C VAL B 13 -0.33 -1.06 11.19
N PRO B 14 -1.65 -1.31 11.37
CA PRO B 14 -2.69 -0.64 10.59
C PRO B 14 -2.88 0.82 11.00
N GLY B 15 -3.15 1.67 10.02
CA GLY B 15 -3.38 3.10 10.25
C GLY B 15 -4.75 3.40 10.83
N HIS B 16 -4.98 4.68 11.14
CA HIS B 16 -6.25 5.14 11.70
C HIS B 16 -7.41 4.75 10.78
N PRO B 17 -8.53 4.26 11.36
CA PRO B 17 -9.68 3.84 10.55
C PRO B 17 -10.21 4.96 9.64
N ILE B 18 -10.26 4.68 8.35
CA ILE B 18 -10.73 5.65 7.35
C ILE B 18 -11.99 5.16 6.61
N ALA B 19 -12.76 6.10 6.05
CA ALA B 19 -13.98 5.77 5.30
C ALA B 19 -14.16 6.65 4.08
N ALA B 20 -14.70 6.08 3.00
CA ALA B 20 -14.98 6.82 1.77
C ALA B 20 -15.97 6.08 0.90
N ILE B 21 -16.61 6.80 -0.02
CA ILE B 21 -17.47 6.18 -1.01
C ILE B 21 -16.60 5.71 -2.18
N ALA B 22 -16.67 4.42 -2.47
CA ALA B 22 -15.79 3.77 -3.44
C ALA B 22 -16.32 3.75 -4.86
N THR B 23 -17.64 3.86 -5.00
CA THR B 23 -18.29 3.83 -6.31
C THR B 23 -18.49 5.25 -6.85
N PRO B 24 -18.65 5.39 -8.18
CA PRO B 24 -18.84 6.73 -8.77
C PRO B 24 -20.03 7.49 -8.17
N VAL B 25 -20.03 8.81 -8.35
CA VAL B 25 -21.14 9.65 -7.91
C VAL B 25 -22.25 9.65 -8.95
N GLY B 26 -23.49 9.58 -8.47
CA GLY B 26 -24.66 9.50 -9.35
C GLY B 26 -25.66 8.48 -8.85
N VAL B 27 -26.68 8.22 -9.66
CA VAL B 27 -27.69 7.21 -9.36
C VAL B 27 -27.38 5.87 -10.02
N GLY B 28 -27.69 4.80 -9.29
CA GLY B 28 -27.48 3.43 -9.77
C GLY B 28 -28.11 2.45 -8.81
N ALA B 29 -28.16 1.19 -9.22
CA ALA B 29 -28.75 0.15 -8.39
C ALA B 29 -28.05 0.00 -7.03
N LEU B 30 -26.72 0.02 -7.06
CA LEU B 30 -25.88 -0.20 -5.86
C LEU B 30 -24.71 0.78 -5.76
N ALA B 31 -24.24 0.97 -4.53
CA ALA B 31 -23.04 1.77 -4.26
C ALA B 31 -22.24 1.14 -3.12
N ILE B 32 -20.93 1.37 -3.11
CA ILE B 32 -20.07 0.83 -2.05
C ILE B 32 -19.43 1.94 -1.21
N VAL B 33 -19.58 1.82 0.10
CA VAL B 33 -18.83 2.63 1.03
C VAL B 33 -17.86 1.68 1.69
N ARG B 34 -16.57 2.00 1.63
CA ARG B 34 -15.58 1.11 2.24
C ARG B 34 -14.74 1.75 3.32
N ILE B 35 -14.40 0.96 4.34
CA ILE B 35 -13.62 1.42 5.48
C ILE B 35 -12.46 0.48 5.75
N SER B 36 -11.33 1.02 6.21
CA SER B 36 -10.12 0.25 6.49
C SER B 36 -9.29 0.87 7.62
N GLY B 37 -8.59 0.02 8.36
CA GLY B 37 -7.77 0.49 9.48
C GLY B 37 -7.82 -0.37 10.73
N ALA B 38 -7.56 0.26 11.87
CA ALA B 38 -7.45 -0.47 13.13
C ALA B 38 -8.80 -0.65 13.77
N GLY B 39 -9.12 -1.90 14.10
CA GLY B 39 -10.38 -2.27 14.76
C GLY B 39 -11.61 -1.85 13.97
N VAL B 40 -11.52 -1.97 12.66
CA VAL B 40 -12.53 -1.48 11.76
C VAL B 40 -13.82 -2.29 11.85
N LEU B 41 -13.71 -3.60 11.88
CA LEU B 41 -14.91 -4.42 11.98
C LEU B 41 -15.55 -4.41 13.37
N ASP B 42 -14.78 -4.03 14.38
CA ASP B 42 -15.35 -3.75 15.71
C ASP B 42 -16.25 -2.53 15.65
N LEU B 43 -15.80 -1.54 14.88
CA LEU B 43 -16.53 -0.30 14.63
C LEU B 43 -17.76 -0.58 13.79
N ALA B 44 -17.62 -1.44 12.79
CA ALA B 44 -18.72 -1.85 11.93
C ALA B 44 -19.79 -2.58 12.72
N ASP B 45 -19.35 -3.45 13.64
CA ASP B 45 -20.26 -4.17 14.52
C ASP B 45 -21.20 -3.28 15.32
N ARG B 46 -20.78 -2.04 15.54
CA ARG B 46 -21.57 -1.11 16.35
C ARG B 46 -22.67 -0.41 15.55
N VAL B 47 -22.67 -0.59 14.23
CA VAL B 47 -23.70 0.00 13.37
C VAL B 47 -24.44 -1.01 12.50
N PHE B 48 -23.85 -2.20 12.34
CA PHE B 48 -24.42 -3.24 11.48
C PHE B 48 -25.13 -4.34 12.28
N ARG B 49 -26.38 -4.60 11.91
CA ARG B 49 -27.16 -5.66 12.54
C ARG B 49 -27.45 -6.80 11.56
N LYS B 50 -26.84 -7.96 11.84
CA LYS B 50 -27.07 -9.17 11.06
C LYS B 50 -28.49 -9.64 11.36
N VAL B 51 -29.19 -10.09 10.32
CA VAL B 51 -30.65 -10.34 10.40
C VAL B 51 -31.07 -11.46 11.38
N HIS B 52 -30.46 -12.64 11.23
CA HIS B 52 -30.91 -13.85 11.95
C HIS B 52 -30.66 -13.82 13.46
N GLY B 53 -29.48 -14.28 13.87
CA GLY B 53 -29.08 -14.29 15.28
C GLY B 53 -28.21 -13.08 15.57
N SER B 54 -26.93 -13.33 15.81
CA SER B 54 -25.96 -12.27 16.07
C SER B 54 -24.51 -12.73 15.86
N GLY B 55 -24.24 -13.29 14.67
CA GLY B 55 -22.88 -13.66 14.31
C GLY B 55 -22.07 -12.40 14.16
N LYS B 56 -21.34 -12.05 15.22
CA LYS B 56 -20.55 -10.81 15.26
C LYS B 56 -19.56 -10.70 14.10
N LEU B 57 -19.56 -9.53 13.47
CA LEU B 57 -18.78 -9.26 12.26
C LEU B 57 -17.29 -9.38 12.50
N ALA B 58 -16.88 -9.03 13.72
CA ALA B 58 -15.48 -9.07 14.13
C ALA B 58 -14.92 -10.48 14.15
N GLU B 59 -15.72 -11.42 14.64
CA GLU B 59 -15.28 -12.82 14.75
C GLU B 59 -15.63 -13.62 13.49
N ALA B 60 -15.85 -12.93 12.38
CA ALA B 60 -16.17 -13.59 11.11
C ALA B 60 -14.91 -13.86 10.29
N ALA B 61 -15.01 -14.82 9.37
CA ALA B 61 -13.89 -15.21 8.51
C ALA B 61 -13.70 -14.20 7.39
N GLY B 62 -12.53 -14.25 6.75
CA GLY B 62 -12.24 -13.38 5.60
C GLY B 62 -13.01 -13.79 4.37
N TYR B 63 -13.28 -12.83 3.49
CA TYR B 63 -14.03 -13.05 2.24
C TYR B 63 -15.42 -13.66 2.45
N THR B 64 -16.11 -13.22 3.49
CA THR B 64 -17.45 -13.69 3.79
C THR B 64 -18.41 -12.52 3.80
N ALA B 65 -19.48 -12.63 3.02
CA ALA B 65 -20.52 -11.62 2.94
C ALA B 65 -21.58 -11.84 4.01
N HIS B 66 -22.18 -10.75 4.49
CA HIS B 66 -23.20 -10.80 5.52
C HIS B 66 -24.34 -9.86 5.19
N PHE B 67 -25.55 -10.40 5.12
CA PHE B 67 -26.73 -9.61 4.79
C PHE B 67 -27.37 -9.04 6.06
N GLY B 68 -27.68 -7.75 6.02
CA GLY B 68 -28.28 -7.07 7.17
C GLY B 68 -28.63 -5.62 6.95
N ARG B 69 -28.72 -4.87 8.06
CA ARG B 69 -29.09 -3.46 8.02
C ARG B 69 -28.12 -2.61 8.81
N LEU B 70 -27.91 -1.38 8.33
CA LEU B 70 -27.14 -0.39 9.06
C LEU B 70 -28.07 0.46 9.91
N TYR B 71 -27.74 0.60 11.18
CA TYR B 71 -28.55 1.37 12.11
C TYR B 71 -27.83 2.57 12.71
N ASP B 72 -28.52 3.70 12.74
CA ASP B 72 -28.05 4.88 13.45
C ASP B 72 -28.82 4.97 14.77
N GLY B 73 -28.51 4.06 15.68
CA GLY B 73 -29.27 3.93 16.92
C GLY B 73 -30.60 3.27 16.66
N GLU B 74 -31.68 4.04 16.79
CA GLU B 74 -33.02 3.53 16.55
C GLU B 74 -33.38 3.53 15.07
N GLU B 75 -32.82 4.50 14.35
CA GLU B 75 -33.17 4.75 12.96
C GLU B 75 -32.47 3.76 12.03
N MET B 76 -33.20 3.24 11.04
CA MET B 76 -32.60 2.42 9.98
C MET B 76 -31.98 3.32 8.92
N VAL B 77 -30.83 2.92 8.40
CA VAL B 77 -30.13 3.70 7.40
C VAL B 77 -30.32 3.08 6.02
N ASP B 78 -30.08 1.77 5.92
CA ASP B 78 -30.25 1.04 4.67
C ASP B 78 -30.17 -0.45 4.93
N GLU B 79 -30.52 -1.22 3.90
CA GLU B 79 -30.35 -2.65 3.86
C GLU B 79 -29.07 -2.88 3.07
N VAL B 80 -28.09 -3.53 3.68
CA VAL B 80 -26.79 -3.69 3.04
C VAL B 80 -26.26 -5.13 3.07
N ILE B 81 -25.30 -5.41 2.19
CA ILE B 81 -24.47 -6.59 2.30
C ILE B 81 -23.13 -6.06 2.80
N ALA B 82 -22.57 -6.71 3.83
CA ALA B 82 -21.28 -6.31 4.40
C ALA B 82 -20.25 -7.39 4.16
N LEU B 83 -19.18 -7.02 3.45
CA LEU B 83 -18.09 -7.94 3.11
C LEU B 83 -16.92 -7.72 4.05
N VAL B 84 -16.43 -8.82 4.63
CA VAL B 84 -15.39 -8.79 5.66
C VAL B 84 -14.04 -9.25 5.09
N PHE B 85 -13.06 -8.35 5.09
CA PHE B 85 -11.69 -8.65 4.69
C PHE B 85 -10.79 -8.76 5.92
N ARG B 86 -9.94 -9.77 5.96
CA ARG B 86 -9.29 -10.10 7.23
C ARG B 86 -7.79 -9.73 7.39
N ALA B 87 -6.90 -10.70 7.42
CA ALA B 87 -5.57 -10.48 8.02
C ALA B 87 -4.71 -9.54 7.18
N PRO B 88 -3.79 -10.06 6.34
CA PRO B 88 -3.21 -9.21 5.31
C PRO B 88 -3.96 -9.31 3.99
N ARG B 89 -5.04 -10.10 3.97
CA ARG B 89 -5.72 -10.48 2.73
C ARG B 89 -6.81 -9.48 2.36
N SER B 90 -6.40 -8.31 1.88
CA SER B 90 -7.31 -7.23 1.50
C SER B 90 -6.55 -6.19 0.71
N PHE B 91 -7.26 -5.27 0.05
CA PHE B 91 -6.63 -4.24 -0.78
C PHE B 91 -5.55 -3.46 -0.04
N THR B 92 -5.86 -3.02 1.17
CA THR B 92 -4.92 -2.20 1.96
C THR B 92 -4.04 -3.05 2.88
N ALA B 93 -4.22 -4.36 2.81
CA ALA B 93 -3.52 -5.33 3.67
C ALA B 93 -3.84 -5.19 5.17
N GLU B 94 -4.59 -4.17 5.53
CA GLU B 94 -5.17 -4.06 6.87
C GLU B 94 -6.54 -4.69 6.81
N GLN B 95 -7.18 -4.85 7.96
CA GLN B 95 -8.54 -5.35 7.94
C GLN B 95 -9.51 -4.26 7.50
N MET B 96 -10.40 -4.62 6.59
CA MET B 96 -11.38 -3.68 6.09
C MET B 96 -12.73 -4.32 5.91
N VAL B 97 -13.77 -3.50 5.81
CA VAL B 97 -15.10 -3.96 5.43
C VAL B 97 -15.72 -3.00 4.42
N GLU B 98 -16.37 -3.57 3.40
CA GLU B 98 -17.05 -2.79 2.39
C GLU B 98 -18.55 -3.07 2.45
N PHE B 99 -19.31 -2.07 2.88
CA PHE B 99 -20.76 -2.14 2.82
C PHE B 99 -21.21 -1.75 1.43
N THR B 100 -21.78 -2.72 0.71
CA THR B 100 -22.46 -2.45 -0.55
C THR B 100 -23.94 -2.22 -0.25
N CYS B 101 -24.43 -1.04 -0.64
CA CYS B 101 -25.77 -0.57 -0.29
C CYS B 101 -26.49 0.02 -1.50
N HIS B 102 -27.69 0.58 -1.28
CA HIS B 102 -28.52 1.10 -2.37
C HIS B 102 -27.91 2.33 -3.01
N GLY B 103 -27.92 2.36 -4.34
CA GLY B 103 -27.13 3.32 -5.11
C GLY B 103 -27.63 4.74 -5.20
N GLY B 104 -28.24 5.24 -4.12
CA GLY B 104 -28.77 6.59 -4.11
C GLY B 104 -27.88 7.56 -3.36
N PRO B 105 -27.59 8.72 -3.98
CA PRO B 105 -26.79 9.81 -3.40
C PRO B 105 -27.15 10.13 -1.94
N VAL B 106 -28.44 10.28 -1.65
CA VAL B 106 -28.91 10.52 -0.29
C VAL B 106 -28.58 9.38 0.66
N VAL B 107 -28.81 8.15 0.20
CA VAL B 107 -28.60 6.94 1.01
C VAL B 107 -27.12 6.72 1.26
N VAL B 108 -26.36 6.64 0.17
CA VAL B 108 -24.90 6.42 0.24
C VAL B 108 -24.21 7.51 1.06
N GLY B 109 -24.66 8.75 0.91
CA GLY B 109 -24.15 9.88 1.69
C GLY B 109 -24.43 9.70 3.16
N ARG B 110 -25.64 9.23 3.48
CA ARG B 110 -26.07 8.98 4.84
C ARG B 110 -25.35 7.77 5.45
N VAL B 111 -24.99 6.81 4.61
CA VAL B 111 -24.22 5.64 5.03
C VAL B 111 -22.79 6.05 5.40
N LEU B 112 -22.20 6.93 4.61
CA LEU B 112 -20.85 7.46 4.86
C LEU B 112 -20.77 8.18 6.20
N ARG B 113 -21.72 9.06 6.45
CA ARG B 113 -21.73 9.84 7.70
C ARG B 113 -21.90 8.94 8.92
N LEU B 114 -22.59 7.81 8.73
CA LEU B 114 -22.75 6.83 9.81
C LEU B 114 -21.40 6.26 10.22
N MET B 115 -20.53 6.02 9.24
CA MET B 115 -19.16 5.53 9.49
C MET B 115 -18.32 6.62 10.12
N LEU B 116 -18.43 7.83 9.57
CA LEU B 116 -17.68 8.98 10.07
C LEU B 116 -18.07 9.31 11.51
N ASP B 117 -19.38 9.36 11.79
CA ASP B 117 -19.87 9.66 13.13
C ASP B 117 -19.51 8.59 14.15
N ASN B 118 -19.14 7.40 13.66
CA ASN B 118 -18.85 6.28 14.55
C ASN B 118 -17.38 5.91 14.69
N GLY B 119 -16.48 6.81 14.30
CA GLY B 119 -15.05 6.64 14.57
C GLY B 119 -14.10 6.73 13.39
N CYS B 120 -14.65 6.72 12.17
CA CYS B 120 -13.81 6.83 10.97
C CYS B 120 -13.49 8.27 10.62
N ARG B 121 -12.24 8.51 10.26
CA ARG B 121 -11.85 9.77 9.68
C ARG B 121 -12.08 9.59 8.19
N LEU B 122 -12.46 10.66 7.50
CA LEU B 122 -12.65 10.58 6.05
C LEU B 122 -11.32 10.33 5.34
N ALA B 123 -11.31 9.34 4.45
CA ALA B 123 -10.12 8.99 3.69
C ALA B 123 -9.64 10.18 2.86
N GLU B 124 -8.33 10.26 2.68
CA GLU B 124 -7.73 11.30 1.85
C GLU B 124 -7.52 10.78 0.42
N PRO B 125 -7.34 11.70 -0.55
CA PRO B 125 -7.05 11.30 -1.92
C PRO B 125 -6.03 10.16 -2.00
N GLY B 126 -6.46 9.02 -2.56
CA GLY B 126 -5.59 7.86 -2.75
C GLY B 126 -5.16 7.04 -1.54
N GLU B 127 -5.42 7.56 -0.34
CA GLU B 127 -5.02 6.92 0.93
C GLU B 127 -5.14 5.39 0.92
N PHE B 128 -6.22 4.87 0.35
CA PHE B 128 -6.42 3.41 0.25
C PHE B 128 -5.31 2.74 -0.54
N THR B 129 -5.08 3.22 -1.76
CA THR B 129 -4.04 2.68 -2.61
C THR B 129 -2.65 2.92 -2.05
N ARG B 130 -2.43 4.09 -1.43
CA ARG B 130 -1.17 4.38 -0.77
C ARG B 130 -0.85 3.34 0.30
N ARG B 131 -1.85 3.00 1.10
CA ARG B 131 -1.70 2.00 2.14
C ARG B 131 -1.39 0.63 1.55
N ALA B 132 -1.94 0.36 0.38
CA ALA B 132 -1.67 -0.88 -0.31
C ALA B 132 -0.19 -0.97 -0.60
N PHE B 133 0.36 0.14 -1.09
CA PHE B 133 1.79 0.22 -1.43
C PHE B 133 2.67 0.17 -0.18
N LEU B 134 2.32 0.99 0.80
CA LEU B 134 3.05 1.10 2.05
C LEU B 134 3.11 -0.23 2.83
N ASN B 135 2.07 -1.04 2.77
CA ASN B 135 2.08 -2.32 3.46
C ASN B 135 2.64 -3.47 2.62
N GLY B 136 3.07 -3.12 1.40
CA GLY B 136 3.83 -4.02 0.54
C GLY B 136 3.06 -5.02 -0.28
N ARG B 137 1.74 -4.87 -0.36
CA ARG B 137 0.92 -5.77 -1.15
C ARG B 137 1.03 -5.40 -2.62
N ILE B 138 1.40 -4.15 -2.86
CA ILE B 138 1.54 -3.61 -4.20
C ILE B 138 2.83 -2.76 -4.26
N ASP B 139 3.50 -2.72 -5.42
CA ASP B 139 4.64 -1.81 -5.59
C ASP B 139 4.19 -0.50 -6.21
N LEU B 140 5.06 0.50 -6.24
CA LEU B 140 4.64 1.82 -6.67
C LEU B 140 4.13 1.86 -8.11
N LEU B 141 4.69 1.01 -8.98
CA LEU B 141 4.23 0.90 -10.36
C LEU B 141 2.80 0.39 -10.42
N GLN B 142 2.53 -0.65 -9.66
CA GLN B 142 1.22 -1.28 -9.63
C GLN B 142 0.20 -0.32 -9.01
N ALA B 143 0.62 0.42 -7.99
CA ALA B 143 -0.21 1.46 -7.39
C ALA B 143 -0.51 2.59 -8.37
N GLU B 144 0.45 2.91 -9.23
CA GLU B 144 0.19 3.90 -10.28
C GLU B 144 -0.78 3.34 -11.31
N ALA B 145 -0.62 2.05 -11.63
CA ALA B 145 -1.41 1.37 -12.65
C ALA B 145 -2.89 1.29 -12.31
N ILE B 146 -3.18 1.09 -11.03
CA ILE B 146 -4.55 1.04 -10.53
C ILE B 146 -5.31 2.33 -10.85
N GLY B 147 -4.72 3.47 -10.50
CA GLY B 147 -5.32 4.78 -10.78
C GLY B 147 -5.44 5.02 -12.27
N GLU B 148 -4.45 4.59 -13.03
CA GLU B 148 -4.43 4.73 -14.48
C GLU B 148 -5.53 3.93 -15.15
N MET B 149 -5.78 2.73 -14.63
CA MET B 149 -6.83 1.87 -15.18
C MET B 149 -8.23 2.43 -14.98
N ILE B 150 -8.48 2.99 -13.79
CA ILE B 150 -9.75 3.63 -13.49
C ILE B 150 -10.01 4.82 -14.42
N HIS B 151 -9.05 5.74 -14.49
CA HIS B 151 -9.20 6.99 -15.24
C HIS B 151 -8.93 6.86 -16.75
N ALA B 152 -8.51 5.66 -17.19
CA ALA B 152 -8.22 5.38 -18.60
C ALA B 152 -9.37 5.75 -19.52
N ARG B 153 -9.04 6.12 -20.75
CA ARG B 153 -10.04 6.56 -21.72
C ARG B 153 -9.88 5.91 -23.10
N THR B 154 -9.02 4.90 -23.17
CA THR B 154 -8.71 4.22 -24.43
C THR B 154 -8.58 2.73 -24.21
N GLU B 155 -8.82 1.96 -25.28
CA GLU B 155 -8.54 0.52 -25.27
C GLU B 155 -7.07 0.32 -24.93
N SER B 156 -6.20 1.04 -25.63
CA SER B 156 -4.76 0.99 -25.38
C SER B 156 -4.42 1.44 -23.97
N ALA B 157 -4.93 2.60 -23.54
CA ALA B 157 -4.68 3.11 -22.19
C ALA B 157 -5.03 2.07 -21.12
N TYR B 158 -6.23 1.52 -21.22
CA TYR B 158 -6.71 0.45 -20.35
C TYR B 158 -5.82 -0.80 -20.42
N ARG B 159 -5.53 -1.26 -21.63
CA ARG B 159 -4.70 -2.45 -21.82
C ARG B 159 -3.31 -2.32 -21.21
N THR B 160 -2.71 -1.13 -21.31
CA THR B 160 -1.37 -0.86 -20.78
C THR B 160 -1.38 -0.89 -19.27
N ALA B 161 -2.43 -0.29 -18.69
CA ALA B 161 -2.63 -0.31 -17.25
C ALA B 161 -2.73 -1.74 -16.71
N VAL B 162 -3.45 -2.60 -17.42
CA VAL B 162 -3.55 -4.02 -17.06
C VAL B 162 -2.18 -4.69 -17.05
N SER B 163 -1.40 -4.48 -18.11
CA SER B 163 -0.05 -5.03 -18.21
C SER B 163 0.81 -4.59 -17.02
N GLN B 164 0.63 -3.34 -16.59
CA GLN B 164 1.44 -2.77 -15.51
C GLN B 164 0.93 -3.19 -14.12
N MET B 165 -0.39 -3.30 -13.98
CA MET B 165 -1.00 -3.74 -12.74
C MET B 165 -0.67 -5.21 -12.45
N LYS B 166 -0.48 -6.01 -13.51
CA LYS B 166 0.08 -7.36 -13.41
C LYS B 166 1.52 -7.29 -12.88
N GLY B 167 2.22 -6.23 -13.27
CA GLY B 167 3.61 -6.02 -12.91
C GLY B 167 4.58 -6.44 -13.99
N ASP B 168 4.15 -6.33 -15.25
CA ASP B 168 4.99 -6.70 -16.39
C ASP B 168 6.27 -5.88 -16.44
N LEU B 169 6.14 -4.56 -16.28
CA LEU B 169 7.30 -3.68 -16.16
C LEU B 169 8.09 -4.03 -14.90
N SER B 170 7.38 -4.33 -13.82
CA SER B 170 8.00 -4.60 -12.53
C SER B 170 8.94 -5.80 -12.54
N VAL B 171 8.53 -6.90 -13.19
CA VAL B 171 9.40 -8.08 -13.35
C VAL B 171 10.61 -7.74 -14.25
N ARG B 172 10.36 -6.93 -15.27
CA ARG B 172 11.37 -6.46 -16.19
C ARG B 172 12.41 -5.62 -15.46
N LEU B 173 11.98 -4.85 -14.47
CA LEU B 173 12.89 -4.01 -13.70
C LEU B 173 13.66 -4.83 -12.69
N GLY B 174 12.95 -5.63 -11.89
CA GLY B 174 13.58 -6.54 -10.95
C GLY B 174 14.65 -7.39 -11.62
N GLY B 175 14.55 -7.55 -12.92
CA GLY B 175 15.56 -8.22 -13.74
C GLY B 175 16.84 -7.40 -13.86
N LEU B 176 16.68 -6.09 -14.07
CA LEU B 176 17.81 -5.16 -14.11
C LEU B 176 18.36 -4.90 -12.71
N ARG B 177 17.46 -4.83 -11.73
CA ARG B 177 17.83 -4.64 -10.32
C ARG B 177 18.85 -5.66 -9.87
N GLU B 178 18.58 -6.94 -10.16
CA GLU B 178 19.49 -8.02 -9.79
C GLU B 178 20.72 -8.12 -10.70
N GLN B 179 20.60 -7.60 -11.92
CA GLN B 179 21.74 -7.51 -12.85
C GLN B 179 22.71 -6.46 -12.36
N LEU B 180 22.18 -5.32 -11.90
CA LEU B 180 22.98 -4.26 -11.29
C LEU B 180 23.63 -4.74 -9.99
N ILE B 181 22.85 -5.41 -9.16
CA ILE B 181 23.36 -6.02 -7.92
C ILE B 181 24.56 -6.94 -8.19
N ARG B 182 24.49 -7.69 -9.30
CA ARG B 182 25.55 -8.62 -9.71
C ARG B 182 26.75 -7.85 -10.24
N SER B 183 26.47 -6.84 -11.05
CA SER B 183 27.51 -6.02 -11.66
C SER B 183 28.15 -5.12 -10.61
N CYS B 184 27.34 -4.67 -9.65
CA CYS B 184 27.79 -3.83 -8.55
C CYS B 184 28.77 -4.60 -7.67
N ALA B 185 28.41 -5.81 -7.29
CA ALA B 185 29.22 -6.63 -6.38
C ALA B 185 30.50 -7.19 -7.00
N LEU B 186 30.64 -7.07 -8.32
CA LEU B 186 31.87 -7.49 -9.01
C LEU B 186 33.02 -6.51 -8.74
N ILE B 187 32.76 -5.22 -8.89
CA ILE B 187 33.74 -4.17 -8.62
C ILE B 187 33.97 -4.04 -7.12
N GLU B 188 32.91 -4.20 -6.34
CA GLU B 188 33.03 -4.15 -4.87
C GLU B 188 33.89 -5.30 -4.32
N LEU B 189 34.20 -6.27 -5.17
CA LEU B 189 35.15 -7.34 -4.84
C LEU B 189 36.57 -6.96 -5.25
N GLU B 190 36.66 -6.20 -6.34
CA GLU B 190 37.91 -5.61 -6.81
C GLU B 190 38.45 -4.60 -5.80
N LEU B 191 37.54 -3.97 -5.04
CA LEU B 191 37.90 -2.97 -4.03
C LEU B 191 38.08 -3.57 -2.62
N ASP B 192 37.96 -4.88 -2.51
CA ASP B 192 38.35 -5.61 -1.30
C ASP B 192 39.82 -5.96 -1.46
N PHE B 193 40.14 -6.55 -2.62
CA PHE B 193 41.52 -6.70 -3.11
C PHE B 193 42.61 -6.95 -2.06
N SER B 194 43.64 -6.10 -2.08
CA SER B 194 44.88 -6.23 -1.29
C SER B 194 46.00 -6.96 -2.06
N GLU B 195 45.59 -7.75 -3.07
CA GLU B 195 46.46 -8.47 -4.01
C GLU B 195 45.63 -9.44 -4.84
N GLU B 196 44.30 -9.27 -4.81
CA GLU B 196 43.35 -10.25 -5.34
C GLU B 196 43.12 -10.20 -6.86
N ASP B 197 44.07 -10.77 -7.61
CA ASP B 197 43.95 -10.96 -9.05
C ASP B 197 43.80 -12.44 -9.38
N VAL B 198 42.55 -12.91 -9.42
CA VAL B 198 42.21 -14.34 -9.57
C VAL B 198 41.91 -14.70 -11.04
N GLU B 199 42.80 -14.30 -11.95
CA GLU B 199 42.60 -14.46 -13.41
C GLU B 199 41.16 -14.11 -13.84
N PHE B 200 40.51 -14.99 -14.62
CA PHE B 200 39.11 -14.82 -15.07
C PHE B 200 38.63 -13.36 -15.08
N GLN B 201 39.32 -12.54 -15.88
CA GLN B 201 39.27 -11.06 -15.90
C GLN B 201 37.98 -10.35 -15.42
N SER B 202 38.18 -9.28 -14.66
CA SER B 202 37.09 -8.44 -14.16
C SER B 202 36.66 -7.38 -15.18
N ARG B 203 37.64 -6.75 -15.82
CA ARG B 203 37.39 -5.59 -16.69
C ARG B 203 36.60 -5.89 -17.97
N ASP B 204 36.93 -7.00 -18.64
CA ASP B 204 36.23 -7.41 -19.86
C ASP B 204 34.82 -7.89 -19.56
N GLU B 205 34.68 -8.79 -18.59
CA GLU B 205 33.40 -9.37 -18.19
C GLU B 205 32.37 -8.33 -17.76
N LEU B 206 32.84 -7.22 -17.20
CA LEU B 206 31.97 -6.18 -16.67
C LEU B 206 31.56 -5.14 -17.71
N THR B 207 32.50 -4.71 -18.56
CA THR B 207 32.20 -3.72 -19.60
C THR B 207 30.99 -4.17 -20.43
N MET B 208 30.91 -5.48 -20.69
CA MET B 208 29.77 -6.05 -21.40
C MET B 208 28.52 -6.10 -20.52
N GLN B 209 28.69 -6.47 -19.24
CA GLN B 209 27.58 -6.48 -18.29
C GLN B 209 26.91 -5.12 -18.20
N ILE B 210 27.70 -4.05 -18.27
CA ILE B 210 27.17 -2.69 -18.30
C ILE B 210 26.49 -2.40 -19.63
N GLU B 211 27.08 -2.88 -20.73
CA GLU B 211 26.54 -2.65 -22.07
C GLU B 211 25.23 -3.40 -22.34
N THR B 212 25.13 -4.62 -21.83
CA THR B 212 23.89 -5.39 -21.85
C THR B 212 22.80 -4.60 -21.13
N LEU B 213 23.10 -4.20 -19.89
CA LEU B 213 22.19 -3.41 -19.08
C LEU B 213 21.87 -2.03 -19.66
N ARG B 214 22.71 -1.53 -20.56
CA ARG B 214 22.50 -0.20 -21.10
C ARG B 214 21.48 -0.16 -22.23
N SER B 215 21.61 -1.10 -23.18
CA SER B 215 20.65 -1.21 -24.26
C SER B 215 19.33 -1.82 -23.76
N GLU B 216 19.41 -2.47 -22.60
CA GLU B 216 18.24 -2.91 -21.85
C GLU B 216 17.42 -1.70 -21.41
N VAL B 217 18.10 -0.76 -20.74
CA VAL B 217 17.48 0.45 -20.23
C VAL B 217 17.10 1.41 -21.36
N ASN B 218 17.99 1.58 -22.33
CA ASN B 218 17.71 2.48 -23.45
C ASN B 218 16.46 2.10 -24.24
N ARG B 219 16.24 0.79 -24.42
CA ARG B 219 15.04 0.27 -25.07
C ARG B 219 13.80 0.80 -24.35
N LEU B 220 13.80 0.68 -23.03
CA LEU B 220 12.69 1.15 -22.20
C LEU B 220 12.51 2.66 -22.29
N ILE B 221 13.60 3.40 -22.48
CA ILE B 221 13.54 4.86 -22.60
C ILE B 221 12.81 5.26 -23.88
N ASP B 222 12.98 4.46 -24.93
CA ASP B 222 12.33 4.69 -26.22
C ASP B 222 10.84 4.42 -26.17
N SER B 223 10.41 3.56 -25.24
CA SER B 223 9.00 3.23 -25.07
C SER B 223 8.17 4.47 -24.77
N TYR B 224 8.72 5.37 -23.95
CA TYR B 224 8.03 6.59 -23.54
C TYR B 224 7.58 7.44 -24.73
N GLN B 225 8.47 7.56 -25.71
CA GLN B 225 8.17 8.18 -27.00
C GLN B 225 6.75 7.82 -27.44
N HIS B 226 6.43 6.52 -27.40
CA HIS B 226 5.11 6.04 -27.76
C HIS B 226 4.13 6.05 -26.58
N GLY B 227 4.53 5.47 -25.46
CA GLY B 227 3.67 5.33 -24.29
C GLY B 227 3.01 6.58 -23.77
N ARG B 228 3.66 7.73 -23.98
CA ARG B 228 3.12 9.03 -23.55
C ARG B 228 1.83 9.32 -24.29
N ILE B 229 1.84 9.08 -25.60
CA ILE B 229 0.68 9.23 -26.46
C ILE B 229 -0.44 8.27 -26.03
N VAL B 230 -0.07 7.06 -25.60
CA VAL B 230 -1.01 6.07 -25.08
C VAL B 230 -1.64 6.55 -23.76
N SER B 231 -0.83 7.20 -22.94
CA SER B 231 -1.25 7.68 -21.62
C SER B 231 -2.15 8.90 -21.66
N GLU B 232 -1.69 9.94 -22.36
CA GLU B 232 -2.36 11.23 -22.36
C GLU B 232 -2.68 11.82 -23.76
N GLY B 233 -2.55 11.00 -24.80
CA GLY B 233 -2.97 11.40 -26.16
C GLY B 233 -1.90 12.03 -27.06
N VAL B 234 -2.18 12.16 -28.39
CA VAL B 234 -1.28 12.74 -29.42
C VAL B 234 -1.40 14.27 -29.47
N SER B 235 -0.33 14.96 -29.12
CA SER B 235 -0.30 16.43 -29.13
C SER B 235 -0.21 16.96 -30.55
N THR B 236 -1.32 17.52 -31.02
CA THR B 236 -1.44 18.02 -32.39
C THR B 236 -1.65 19.53 -32.40
N VAL B 237 -0.87 20.21 -33.23
CA VAL B 237 -0.97 21.65 -33.35
C VAL B 237 -1.58 22.02 -34.69
N ILE B 238 -2.64 22.82 -34.65
CA ILE B 238 -3.23 23.39 -35.88
C ILE B 238 -2.62 24.76 -36.15
N ALA B 239 -1.75 24.81 -37.16
CA ALA B 239 -1.10 26.06 -37.54
C ALA B 239 -1.57 26.54 -38.91
N GLY B 240 -1.60 27.86 -39.08
CA GLY B 240 -2.05 28.43 -40.34
C GLY B 240 -1.67 29.88 -40.57
N LYS B 241 -2.66 30.68 -40.96
CA LYS B 241 -2.47 32.08 -41.30
C LYS B 241 -3.58 32.90 -40.64
N PRO B 242 -3.46 34.24 -40.60
CA PRO B 242 -4.65 35.02 -40.27
C PRO B 242 -5.83 34.68 -41.22
N ASN B 243 -6.93 34.21 -40.63
CA ASN B 243 -8.14 33.77 -41.36
C ASN B 243 -7.95 32.58 -42.32
N ALA B 244 -7.44 31.48 -41.78
CA ALA B 244 -7.33 30.23 -42.51
C ALA B 244 -8.42 29.27 -42.04
N GLY B 245 -9.10 29.65 -40.96
CA GLY B 245 -10.21 28.86 -40.42
C GLY B 245 -9.81 27.92 -39.30
N LYS B 246 -8.83 28.34 -38.50
CA LYS B 246 -8.29 27.50 -37.41
C LYS B 246 -9.30 27.27 -36.29
N SER B 247 -9.93 28.35 -35.82
CA SER B 247 -10.94 28.27 -34.76
C SER B 247 -12.13 27.39 -35.14
N THR B 248 -12.64 27.59 -36.36
CA THR B 248 -13.79 26.82 -36.86
C THR B 248 -13.49 25.33 -37.03
N LEU B 249 -12.25 25.00 -37.36
CA LEU B 249 -11.80 23.61 -37.46
C LEU B 249 -11.70 22.96 -36.08
N LEU B 250 -11.04 23.67 -35.17
CA LEU B 250 -10.87 23.22 -33.79
C LEU B 250 -12.23 22.90 -33.17
N ASN B 251 -13.19 23.81 -33.35
CA ASN B 251 -14.51 23.68 -32.75
C ASN B 251 -15.34 22.50 -33.25
N THR B 252 -15.30 22.25 -34.56
CA THR B 252 -16.05 21.13 -35.16
C THR B 252 -15.38 19.79 -34.87
N LEU B 253 -14.08 19.81 -34.61
CA LEU B 253 -13.36 18.60 -34.24
C LEU B 253 -13.74 18.07 -32.86
N LEU B 254 -14.26 18.96 -31.99
CA LEU B 254 -14.60 18.59 -30.62
C LEU B 254 -16.10 18.37 -30.39
N GLU B 273 -4.76 22.28 -23.92
CA GLU B 273 -6.19 22.54 -23.92
C GLU B 273 -7.02 21.33 -24.38
N GLU B 274 -8.34 21.51 -24.51
CA GLU B 274 -9.30 20.44 -24.82
C GLU B 274 -8.95 19.59 -26.05
N CYS B 275 -9.51 18.37 -26.08
CA CYS B 275 -9.14 17.38 -27.11
C CYS B 275 -10.22 16.32 -27.38
N PHE B 276 -10.09 15.62 -28.51
CA PHE B 276 -11.07 14.61 -28.94
C PHE B 276 -10.47 13.20 -29.02
N ILE B 277 -11.35 12.22 -29.22
CA ILE B 277 -10.96 10.82 -29.40
C ILE B 277 -11.43 10.35 -30.78
N HIS B 278 -10.61 9.56 -31.46
CA HIS B 278 -10.99 8.98 -32.74
C HIS B 278 -10.30 7.66 -32.99
N ASP B 279 -11.09 6.66 -33.42
CA ASP B 279 -10.60 5.31 -33.71
C ASP B 279 -9.71 4.80 -32.57
N LYS B 280 -10.28 4.80 -31.37
CA LYS B 280 -9.56 4.49 -30.12
C LYS B 280 -8.14 5.07 -30.00
N THR B 281 -7.97 6.31 -30.44
CA THR B 281 -6.73 7.06 -30.23
C THR B 281 -7.06 8.50 -29.88
N MET B 282 -6.49 8.99 -28.79
CA MET B 282 -6.80 10.30 -28.27
C MET B 282 -5.92 11.33 -28.95
N PHE B 283 -6.50 12.50 -29.24
CA PHE B 283 -5.76 13.60 -29.88
C PHE B 283 -5.85 14.86 -29.04
N ARG B 284 -4.70 15.37 -28.60
CA ARG B 284 -4.63 16.59 -27.82
C ARG B 284 -4.43 17.81 -28.73
N LEU B 285 -5.48 18.62 -28.87
CA LEU B 285 -5.41 19.84 -29.69
C LEU B 285 -4.89 21.05 -28.91
N THR B 286 -4.30 22.00 -29.63
CA THR B 286 -3.67 23.17 -29.00
C THR B 286 -3.35 24.32 -29.99
N ASP B 287 -3.06 25.50 -29.43
CA ASP B 287 -2.57 26.68 -30.16
C ASP B 287 -1.58 27.46 -29.30
N MET B 308 3.98 28.77 -27.30
CA MET B 308 4.41 27.98 -28.45
C MET B 308 4.91 26.62 -27.98
N LYS B 309 4.26 25.56 -28.47
CA LYS B 309 4.72 24.17 -28.27
C LYS B 309 4.75 23.42 -29.60
N MET B 310 5.18 24.13 -30.65
CA MET B 310 5.33 23.60 -32.00
C MET B 310 6.38 22.47 -32.02
N ALA B 311 7.62 22.79 -31.64
CA ALA B 311 8.65 21.79 -31.42
C ALA B 311 8.19 20.89 -30.27
N GLU B 312 8.47 19.59 -30.40
CA GLU B 312 7.93 18.56 -29.50
C GLU B 312 6.40 18.46 -29.64
N ALA B 313 5.96 18.20 -30.87
CA ALA B 313 4.56 17.89 -31.15
C ALA B 313 4.54 16.77 -32.18
N ASP B 314 3.72 15.74 -31.94
CA ASP B 314 3.73 14.53 -32.76
C ASP B 314 3.17 14.78 -34.15
N LEU B 315 2.08 15.55 -34.22
CA LEU B 315 1.39 15.78 -35.48
C LEU B 315 1.13 17.27 -35.69
N ILE B 316 1.59 17.78 -36.82
CA ILE B 316 1.35 19.18 -37.19
C ILE B 316 0.40 19.24 -38.38
N LEU B 317 -0.74 19.89 -38.17
CA LEU B 317 -1.70 20.14 -39.25
C LEU B 317 -1.56 21.58 -39.72
N TYR B 318 -1.17 21.75 -40.99
CA TYR B 318 -1.08 23.09 -41.57
C TYR B 318 -2.29 23.43 -42.43
N LEU B 319 -3.03 24.44 -41.96
CA LEU B 319 -4.28 24.86 -42.55
C LEU B 319 -4.09 26.14 -43.38
N LEU B 320 -4.54 26.11 -44.63
CA LEU B 320 -4.46 27.29 -45.51
C LEU B 320 -5.81 27.54 -46.17
N ASP B 321 -6.12 28.82 -46.43
CA ASP B 321 -7.36 29.17 -47.11
C ASP B 321 -7.24 28.88 -48.60
N LEU B 322 -7.81 27.74 -48.98
CA LEU B 322 -7.66 27.19 -50.33
C LEU B 322 -8.03 28.21 -51.39
N GLY B 323 -7.03 28.57 -52.18
CA GLY B 323 -7.18 29.57 -53.22
C GLY B 323 -7.31 30.99 -52.67
N THR B 324 -8.29 31.17 -51.77
CA THR B 324 -8.65 32.48 -51.23
C THR B 324 -7.52 33.23 -50.53
N GLU B 325 -6.43 32.53 -50.23
CA GLU B 325 -5.22 33.14 -49.71
C GLU B 325 -4.67 34.13 -50.73
N ARG B 326 -4.59 35.40 -50.33
CA ARG B 326 -4.23 36.49 -51.25
C ARG B 326 -2.89 36.28 -51.97
N LEU B 327 -1.91 35.77 -51.24
CA LEU B 327 -0.62 35.42 -51.80
C LEU B 327 -0.46 33.93 -51.60
N ASP B 328 -0.60 33.18 -52.69
CA ASP B 328 -0.73 31.74 -52.56
C ASP B 328 0.57 30.98 -52.57
N ASP B 329 1.59 31.51 -53.25
CA ASP B 329 2.87 30.80 -53.32
C ASP B 329 3.60 30.76 -51.96
N GLU B 330 2.83 30.97 -50.89
CA GLU B 330 3.26 30.72 -49.51
C GLU B 330 2.95 29.26 -49.16
N LEU B 331 3.46 28.38 -50.01
CA LEU B 331 3.60 26.97 -49.74
C LEU B 331 5.09 26.71 -49.49
N THR B 332 5.90 27.77 -49.62
CA THR B 332 7.28 27.77 -49.10
C THR B 332 7.22 27.78 -47.58
N GLU B 333 6.33 28.63 -47.05
CA GLU B 333 6.05 28.72 -45.62
C GLU B 333 5.68 27.35 -45.03
N ILE B 334 4.92 26.57 -45.78
CA ILE B 334 4.49 25.25 -45.32
C ILE B 334 5.61 24.20 -45.50
N ARG B 335 6.50 24.44 -46.45
CA ARG B 335 7.62 23.53 -46.66
C ARG B 335 8.68 23.71 -45.58
N GLU B 336 8.83 24.96 -45.14
CA GLU B 336 9.80 25.33 -44.10
C GLU B 336 9.45 24.75 -42.75
N LEU B 337 8.16 24.74 -42.41
CA LEU B 337 7.70 24.14 -41.16
C LEU B 337 7.91 22.62 -41.11
N LYS B 338 7.65 21.95 -42.24
CA LYS B 338 7.91 20.51 -42.36
C LYS B 338 9.40 20.21 -42.22
N ALA B 339 10.23 21.10 -42.77
CA ALA B 339 11.69 21.01 -42.66
C ALA B 339 12.22 21.44 -41.28
N ALA B 340 11.39 22.16 -40.52
CA ALA B 340 11.76 22.66 -39.19
C ALA B 340 11.42 21.67 -38.08
N HIS B 341 10.54 20.71 -38.39
CA HIS B 341 10.16 19.69 -37.41
C HIS B 341 10.07 18.30 -38.07
N PRO B 342 11.24 17.70 -38.37
CA PRO B 342 11.28 16.37 -38.98
C PRO B 342 10.84 15.25 -38.04
N ALA B 343 10.85 15.53 -36.73
CA ALA B 343 10.39 14.56 -35.72
C ALA B 343 8.87 14.35 -35.78
N ALA B 344 8.16 15.27 -36.43
CA ALA B 344 6.71 15.26 -36.45
C ALA B 344 6.14 14.60 -37.71
N LYS B 345 4.89 14.15 -37.62
CA LYS B 345 4.10 13.85 -38.81
C LYS B 345 3.43 15.15 -39.27
N PHE B 346 3.35 15.34 -40.59
CA PHE B 346 2.83 16.57 -41.17
C PHE B 346 1.66 16.32 -42.14
N LEU B 347 0.62 17.13 -42.03
CA LEU B 347 -0.49 17.12 -43.00
C LEU B 347 -0.92 18.53 -43.38
N THR B 348 -1.02 18.78 -44.68
CA THR B 348 -1.54 20.06 -45.16
C THR B 348 -3.02 19.96 -45.39
N VAL B 349 -3.76 20.87 -44.76
CA VAL B 349 -5.21 20.84 -44.80
C VAL B 349 -5.70 22.08 -45.54
N ALA B 350 -6.13 21.88 -46.79
CA ALA B 350 -6.71 22.94 -47.60
C ALA B 350 -8.15 23.19 -47.19
N ASN B 351 -8.38 24.29 -46.49
CA ASN B 351 -9.69 24.63 -45.94
C ASN B 351 -10.54 25.48 -46.89
N LYS B 352 -11.84 25.55 -46.58
CA LYS B 352 -12.82 26.32 -47.36
C LYS B 352 -12.92 25.75 -48.77
N LEU B 353 -13.23 24.46 -48.83
CA LEU B 353 -13.34 23.73 -50.08
C LEU B 353 -14.65 24.06 -50.77
N ASP B 354 -15.57 24.63 -49.99
CA ASP B 354 -16.90 24.96 -50.49
C ASP B 354 -16.96 26.29 -51.24
N ARG B 355 -16.05 27.22 -50.90
CA ARG B 355 -15.95 28.49 -51.63
C ARG B 355 -15.22 28.32 -52.95
N ALA B 356 -14.37 27.31 -53.05
CA ALA B 356 -13.46 27.15 -54.17
C ALA B 356 -14.06 26.29 -55.28
N ALA B 357 -13.85 26.73 -56.53
CA ALA B 357 -14.38 26.05 -57.70
C ALA B 357 -13.58 24.78 -58.01
N ASN B 358 -12.64 24.90 -58.96
CA ASN B 358 -11.74 23.79 -59.29
C ASN B 358 -10.65 23.66 -58.24
N ALA B 359 -10.84 22.68 -57.36
CA ALA B 359 -10.00 22.50 -56.20
C ALA B 359 -8.97 21.38 -56.39
N ASP B 360 -9.33 20.41 -57.22
CA ASP B 360 -8.45 19.26 -57.48
C ASP B 360 -7.09 19.63 -58.05
N ALA B 361 -7.08 20.65 -58.91
CA ALA B 361 -5.82 21.16 -59.46
C ALA B 361 -5.02 22.00 -58.45
N LEU B 362 -5.74 22.69 -57.55
CA LEU B 362 -5.09 23.45 -56.49
C LEU B 362 -4.52 22.58 -55.37
N ILE B 363 -5.25 21.53 -55.01
CA ILE B 363 -4.76 20.54 -54.04
C ILE B 363 -3.49 19.88 -54.58
N ARG B 364 -3.58 19.33 -55.79
CA ARG B 364 -2.45 18.65 -56.42
C ARG B 364 -1.22 19.57 -56.49
N ALA B 365 -1.45 20.85 -56.79
CA ALA B 365 -0.38 21.85 -56.84
C ALA B 365 0.30 22.03 -55.49
N ILE B 366 -0.49 22.29 -54.46
CA ILE B 366 0.04 22.46 -53.10
C ILE B 366 0.84 21.20 -52.70
N ALA B 367 0.28 20.03 -53.00
CA ALA B 367 0.94 18.74 -52.74
C ALA B 367 2.30 18.61 -53.42
N ASP B 368 2.37 19.09 -54.66
CA ASP B 368 3.61 19.07 -55.45
C ASP B 368 4.69 19.98 -54.87
N GLY B 369 4.36 21.27 -54.76
CA GLY B 369 5.32 22.30 -54.36
C GLY B 369 5.67 22.38 -52.89
N THR B 370 5.32 21.34 -52.12
CA THR B 370 5.64 21.27 -50.69
C THR B 370 6.17 19.89 -50.30
N GLY B 371 5.81 18.90 -51.11
CA GLY B 371 6.17 17.51 -50.81
C GLY B 371 5.48 17.00 -49.58
N THR B 372 4.22 17.42 -49.39
CA THR B 372 3.37 16.92 -48.31
C THR B 372 2.10 16.32 -48.90
N GLU B 373 1.31 15.70 -48.02
CA GLU B 373 0.00 15.16 -48.39
C GLU B 373 -1.03 16.24 -48.06
N VAL B 374 -1.96 16.46 -48.99
CA VAL B 374 -2.96 17.51 -48.80
C VAL B 374 -4.37 16.92 -48.71
N ILE B 375 -5.08 17.31 -47.67
CA ILE B 375 -6.47 16.89 -47.45
C ILE B 375 -7.42 18.08 -47.67
N GLY B 376 -8.44 17.86 -48.48
CA GLY B 376 -9.44 18.89 -48.80
C GLY B 376 -10.55 18.97 -47.76
N ILE B 377 -10.79 20.17 -47.27
CA ILE B 377 -11.64 20.36 -46.09
C ILE B 377 -12.53 21.59 -46.19
N SER B 378 -13.75 21.46 -45.66
CA SER B 378 -14.57 22.64 -45.36
C SER B 378 -15.00 22.63 -43.90
N ALA B 379 -14.41 23.54 -43.11
CA ALA B 379 -14.52 23.54 -41.66
C ALA B 379 -15.91 23.89 -41.12
N LEU B 380 -16.56 24.91 -41.69
CA LEU B 380 -17.92 25.26 -41.25
C LEU B 380 -18.93 24.28 -41.86
N ASN B 381 -18.59 23.77 -43.03
CA ASN B 381 -19.45 22.86 -43.78
C ASN B 381 -19.33 21.42 -43.28
N GLY B 382 -18.22 21.14 -42.58
CA GLY B 382 -17.91 19.81 -42.04
C GLY B 382 -17.71 18.75 -43.12
N ASP B 383 -17.00 19.13 -44.17
CA ASP B 383 -16.95 18.32 -45.39
C ASP B 383 -15.65 17.54 -45.54
N GLY B 384 -15.75 16.22 -45.49
CA GLY B 384 -14.59 15.34 -45.56
C GLY B 384 -13.68 15.41 -44.33
N ILE B 385 -14.26 15.80 -43.19
CA ILE B 385 -13.54 15.81 -41.93
C ILE B 385 -13.23 14.37 -41.55
N ASP B 386 -14.17 13.48 -41.82
CA ASP B 386 -14.01 12.04 -41.57
C ASP B 386 -12.88 11.42 -42.40
N THR B 387 -12.54 12.06 -43.51
CA THR B 387 -11.38 11.68 -44.30
C THR B 387 -10.12 12.18 -43.60
N LEU B 388 -10.19 13.41 -43.07
CA LEU B 388 -9.08 14.02 -42.35
C LEU B 388 -8.69 13.19 -41.14
N LYS B 389 -9.68 12.75 -40.36
CA LYS B 389 -9.44 11.97 -39.16
C LYS B 389 -8.88 10.58 -39.46
N GLN B 390 -9.37 9.97 -40.54
CA GLN B 390 -8.86 8.68 -41.00
C GLN B 390 -7.41 8.79 -41.48
N HIS B 391 -7.01 10.00 -41.88
CA HIS B 391 -5.61 10.28 -42.22
C HIS B 391 -4.80 10.66 -40.99
N MET B 392 -5.43 11.40 -40.08
CA MET B 392 -4.79 11.85 -38.85
C MET B 392 -4.37 10.67 -38.00
N GLY B 393 -5.21 9.64 -37.98
CA GLY B 393 -4.95 8.45 -37.18
C GLY B 393 -4.07 7.45 -37.89
N ASP B 394 -3.11 7.92 -38.68
CA ASP B 394 -2.22 6.99 -39.37
C ASP B 394 -0.84 6.80 -38.72
N LEU B 395 -0.85 6.94 -37.40
CA LEU B 395 0.32 6.76 -36.54
C LEU B 395 0.42 5.31 -36.04
N VAL B 396 -0.52 4.91 -35.18
CA VAL B 396 -0.54 3.56 -34.58
C VAL B 396 -1.33 2.57 -35.45
N LYS B 397 -2.32 3.08 -36.18
CA LYS B 397 -3.09 2.32 -37.18
C LYS B 397 -3.63 3.25 -38.27
N SER B 406 5.85 -5.36 -27.00
CA SER B 406 6.83 -5.21 -25.93
C SER B 406 6.33 -4.21 -24.85
N VAL B 407 6.96 -4.25 -23.67
CA VAL B 407 6.56 -3.43 -22.51
C VAL B 407 6.75 -1.93 -22.75
N LEU B 408 5.76 -1.13 -22.36
CA LEU B 408 5.78 0.34 -22.53
C LEU B 408 6.04 1.08 -21.22
N VAL B 409 6.54 2.31 -21.30
CA VAL B 409 6.60 3.17 -20.11
C VAL B 409 5.73 4.44 -20.24
N THR B 410 4.77 4.58 -19.34
CA THR B 410 3.91 5.75 -19.25
C THR B 410 4.60 6.89 -18.48
N SER B 411 3.84 7.97 -18.24
CA SER B 411 4.33 9.30 -17.78
C SER B 411 5.69 9.50 -17.07
N LEU B 412 6.37 10.59 -17.44
CA LEU B 412 7.77 10.87 -17.10
C LEU B 412 8.06 11.00 -15.61
N ARG B 413 8.58 9.93 -15.05
CA ARG B 413 9.16 9.93 -13.73
C ARG B 413 9.97 8.68 -13.91
N HIS B 414 9.27 7.61 -14.30
CA HIS B 414 9.88 6.42 -14.86
C HIS B 414 10.84 6.82 -15.96
N TYR B 415 10.33 7.55 -16.96
CA TYR B 415 11.17 8.00 -18.07
C TYR B 415 12.42 8.71 -17.54
N GLU B 416 12.22 9.76 -16.74
CA GLU B 416 13.33 10.59 -16.27
C GLU B 416 14.33 9.84 -15.41
N ALA B 417 13.83 8.94 -14.55
CA ALA B 417 14.71 8.14 -13.72
C ALA B 417 15.46 7.08 -14.53
N LEU B 418 14.88 6.67 -15.66
CA LEU B 418 15.55 5.73 -16.56
C LEU B 418 16.67 6.43 -17.33
N ARG B 419 16.49 7.73 -17.55
CA ARG B 419 17.50 8.55 -18.22
C ARG B 419 18.74 8.64 -17.35
N ASN B 420 18.53 9.07 -16.11
CA ASN B 420 19.59 9.15 -15.10
C ASN B 420 20.27 7.80 -14.91
N ALA B 421 19.49 6.74 -14.89
CA ALA B 421 20.02 5.39 -14.83
C ALA B 421 20.96 5.11 -16.00
N SER B 422 20.59 5.56 -17.18
CA SER B 422 21.38 5.34 -18.40
C SER B 422 22.67 6.16 -18.37
N ASP B 423 22.54 7.42 -17.99
CA ASP B 423 23.67 8.34 -17.87
C ASP B 423 24.76 7.77 -16.96
N ALA B 424 24.36 7.35 -15.76
CA ALA B 424 25.26 6.75 -14.80
C ALA B 424 25.87 5.45 -15.32
N LEU B 425 25.06 4.63 -15.99
CA LEU B 425 25.54 3.40 -16.61
C LEU B 425 26.60 3.71 -17.64
N GLN B 426 26.36 4.77 -18.40
CA GLN B 426 27.27 5.19 -19.47
C GLN B 426 28.46 5.99 -18.93
N ASN B 427 28.26 6.67 -17.79
CA ASN B 427 29.37 7.27 -17.06
C ASN B 427 30.32 6.18 -16.60
N ALA B 428 29.76 5.13 -16.04
CA ALA B 428 30.54 3.99 -15.54
C ALA B 428 31.23 3.27 -16.69
N LEU B 429 30.56 3.22 -17.82
CA LEU B 429 31.05 2.52 -19.00
C LEU B 429 32.30 3.21 -19.57
N GLU B 430 32.21 4.52 -19.68
CA GLU B 430 33.28 5.38 -20.18
C GLU B 430 34.44 5.45 -19.19
N LEU B 431 34.10 5.38 -17.92
CA LEU B 431 35.05 5.47 -16.82
C LEU B 431 36.03 4.29 -16.82
N ILE B 432 35.60 3.13 -17.33
CA ILE B 432 36.45 1.95 -17.45
C ILE B 432 37.41 2.13 -18.62
N ALA B 433 36.88 2.64 -19.74
CA ALA B 433 37.67 2.92 -20.94
C ALA B 433 38.77 3.95 -20.67
N HIS B 434 38.53 4.83 -19.71
CA HIS B 434 39.51 5.82 -19.28
C HIS B 434 40.37 5.35 -18.11
N GLU B 435 40.20 4.07 -17.73
CA GLU B 435 41.01 3.41 -16.69
C GLU B 435 41.03 4.10 -15.32
N SER B 436 39.88 4.62 -14.85
CA SER B 436 39.85 5.32 -13.57
C SER B 436 39.56 4.38 -12.38
N GLU B 437 39.69 4.94 -11.18
CA GLU B 437 39.59 4.19 -9.91
C GLU B 437 38.30 3.40 -9.78
N THR B 438 38.42 2.22 -9.17
CA THR B 438 37.25 1.36 -8.93
C THR B 438 36.18 2.03 -8.07
N GLU B 439 36.63 2.84 -7.11
CA GLU B 439 35.72 3.59 -6.23
C GLU B 439 34.72 4.43 -7.03
N LEU B 440 35.20 5.09 -8.09
CA LEU B 440 34.37 5.95 -8.91
C LEU B 440 33.41 5.17 -9.80
N ILE B 441 33.86 4.00 -10.25
CA ILE B 441 33.07 3.13 -11.12
C ILE B 441 31.95 2.43 -10.36
N ALA B 442 32.28 1.87 -9.20
CA ALA B 442 31.29 1.26 -8.30
C ALA B 442 30.28 2.27 -7.78
N PHE B 443 30.65 3.54 -7.78
CA PHE B 443 29.79 4.59 -7.25
C PHE B 443 28.75 5.07 -8.26
N GLU B 444 28.97 4.74 -9.53
CA GLU B 444 28.00 5.05 -10.57
C GLU B 444 26.97 3.95 -10.67
N LEU B 445 27.42 2.71 -10.50
CA LEU B 445 26.54 1.54 -10.49
C LEU B 445 25.56 1.63 -9.32
N ARG B 446 26.05 2.11 -8.17
CA ARG B 446 25.18 2.39 -7.04
C ARG B 446 24.13 3.43 -7.41
N ALA B 447 24.54 4.48 -8.11
CA ALA B 447 23.62 5.55 -8.51
C ALA B 447 22.59 5.06 -9.50
N ALA B 448 23.01 4.16 -10.40
CA ALA B 448 22.13 3.59 -11.41
C ALA B 448 21.03 2.77 -10.75
N LEU B 449 21.46 1.87 -9.87
CA LEU B 449 20.56 1.00 -9.11
C LEU B 449 19.56 1.79 -8.30
N ASP B 450 20.03 2.88 -7.69
CA ASP B 450 19.18 3.72 -6.86
C ASP B 450 18.08 4.40 -7.68
N TYR B 451 18.40 4.72 -8.93
CA TYR B 451 17.43 5.31 -9.83
C TYR B 451 16.37 4.30 -10.28
N VAL B 452 16.80 3.07 -10.61
CA VAL B 452 15.89 1.99 -11.01
C VAL B 452 14.93 1.64 -9.88
N GLY B 453 15.47 1.55 -8.66
CA GLY B 453 14.66 1.31 -7.48
C GLY B 453 13.71 2.47 -7.18
N GLN B 454 14.11 3.67 -7.58
CA GLN B 454 13.31 4.87 -7.41
C GLN B 454 11.94 4.72 -8.05
N ILE B 455 11.87 4.05 -9.20
CA ILE B 455 10.60 3.99 -9.93
C ILE B 455 9.62 2.97 -9.37
N THR B 456 10.12 1.91 -8.75
CA THR B 456 9.25 0.92 -8.09
C THR B 456 9.01 1.24 -6.61
N GLY B 457 9.36 2.45 -6.19
CA GLY B 457 9.20 2.88 -4.81
C GLY B 457 10.20 2.31 -3.82
N LYS B 458 11.14 1.48 -4.31
CA LYS B 458 12.18 0.86 -3.48
C LYS B 458 12.90 1.92 -2.65
N VAL B 459 13.16 3.06 -3.28
CA VAL B 459 13.61 4.24 -2.55
C VAL B 459 12.40 5.18 -2.45
N VAL B 460 11.85 5.29 -1.25
CA VAL B 460 10.68 6.14 -1.01
C VAL B 460 11.08 7.62 -1.02
N ASN B 461 10.12 8.49 -1.33
CA ASN B 461 10.37 9.92 -1.28
C ASN B 461 9.39 10.66 -0.38
N GLU B 462 8.15 10.18 -0.35
CA GLU B 462 7.06 10.75 0.45
C GLU B 462 6.81 12.23 0.13
N GLU B 463 7.21 12.62 -1.07
CA GLU B 463 6.79 13.89 -1.67
C GLU B 463 6.48 13.53 -3.10
N VAL B 464 7.20 12.53 -3.60
CA VAL B 464 6.84 11.88 -4.84
C VAL B 464 5.55 11.09 -4.59
N LEU B 465 5.47 10.42 -3.43
CA LEU B 465 4.25 9.73 -3.02
C LEU B 465 3.04 10.65 -3.01
N ASN B 466 3.26 11.93 -2.69
CA ASN B 466 2.17 12.88 -2.64
C ASN B 466 1.70 13.35 -4.01
N THR B 467 2.63 13.75 -4.86
CA THR B 467 2.29 14.20 -6.22
C THR B 467 1.65 13.09 -7.05
N ILE B 468 1.85 11.84 -6.64
CA ILE B 468 1.19 10.68 -7.25
C ILE B 468 -0.24 10.52 -6.71
N PHE B 469 -0.36 10.35 -5.40
CA PHE B 469 -1.63 10.03 -4.76
C PHE B 469 -2.56 11.22 -4.53
N ASP B 470 -2.11 12.42 -4.87
CA ASP B 470 -3.00 13.59 -4.80
C ASP B 470 -3.91 13.63 -6.01
N LYS B 471 -3.47 13.01 -7.11
CA LYS B 471 -4.27 12.88 -8.33
C LYS B 471 -5.38 11.84 -8.18
N PHE B 472 -5.30 11.04 -7.11
CA PHE B 472 -6.22 9.93 -6.89
C PHE B 472 -7.52 10.41 -6.27
N CYS B 473 -8.63 9.82 -6.72
CA CYS B 473 -9.97 10.18 -6.23
C CYS B 473 -10.14 9.72 -4.79
N ILE B 474 -10.89 10.47 -3.98
CA ILE B 474 -11.11 10.08 -2.58
C ILE B 474 -11.80 8.71 -2.49
N GLY B 475 -11.00 7.70 -2.15
CA GLY B 475 -11.49 6.34 -1.97
C GLY B 475 -10.67 5.32 -2.73
N LYS B 476 -9.35 5.54 -2.80
CA LYS B 476 -8.42 4.78 -3.69
C LYS B 476 -8.36 5.40 -5.10
N SER C 7 -30.73 -31.62 -4.73
CA SER C 7 -31.39 -30.85 -3.63
C SER C 7 -32.55 -29.99 -4.17
N ASP C 8 -33.74 -30.59 -4.23
CA ASP C 8 -34.93 -29.92 -4.79
C ASP C 8 -35.85 -29.31 -3.73
N LEU C 9 -36.01 -27.98 -3.79
CA LEU C 9 -36.78 -27.23 -2.81
C LEU C 9 -37.80 -26.27 -3.42
N HIS C 10 -38.42 -26.68 -4.54
CA HIS C 10 -39.45 -25.86 -5.21
C HIS C 10 -38.97 -24.42 -5.42
N LEU C 11 -37.82 -24.28 -6.08
CA LEU C 11 -37.24 -22.98 -6.39
C LEU C 11 -37.96 -22.37 -7.60
N PRO C 12 -38.38 -21.09 -7.50
CA PRO C 12 -39.08 -20.47 -8.63
C PRO C 12 -38.23 -20.56 -9.89
N VAL C 13 -38.82 -21.04 -10.99
CA VAL C 13 -38.10 -21.23 -12.25
C VAL C 13 -37.41 -19.95 -12.74
N PRO C 14 -36.07 -19.94 -12.78
CA PRO C 14 -35.31 -18.73 -13.07
C PRO C 14 -35.37 -18.31 -14.54
N GLY C 15 -35.43 -17.00 -14.78
CA GLY C 15 -35.49 -16.46 -16.14
C GLY C 15 -34.14 -16.51 -16.86
N HIS C 16 -34.15 -16.10 -18.13
CA HIS C 16 -32.94 -16.05 -18.95
C HIS C 16 -31.84 -15.21 -18.28
N PRO C 17 -30.59 -15.70 -18.31
CA PRO C 17 -29.48 -14.96 -17.68
C PRO C 17 -29.31 -13.53 -18.21
N ILE C 18 -29.35 -12.56 -17.30
CA ILE C 18 -29.23 -11.15 -17.65
C ILE C 18 -28.02 -10.50 -17.00
N ALA C 19 -27.55 -9.40 -17.57
CA ALA C 19 -26.39 -8.66 -17.07
C ALA C 19 -26.55 -7.16 -17.20
N ALA C 20 -26.05 -6.41 -16.23
CA ALA C 20 -26.09 -4.95 -16.26
C ALA C 20 -25.08 -4.36 -15.28
N ILE C 21 -24.71 -3.10 -15.50
CA ILE C 21 -23.87 -2.37 -14.56
C ILE C 21 -24.74 -1.81 -13.43
N ALA C 22 -24.45 -2.22 -12.20
CA ALA C 22 -25.30 -1.90 -11.06
C ALA C 22 -24.93 -0.58 -10.35
N THR C 23 -23.70 -0.13 -10.55
CA THR C 23 -23.22 1.09 -9.91
C THR C 23 -23.38 2.30 -10.85
N PRO C 24 -23.45 3.53 -10.29
CA PRO C 24 -23.61 4.72 -11.13
C PRO C 24 -22.53 4.84 -12.21
N VAL C 25 -22.83 5.66 -13.23
CA VAL C 25 -21.89 5.94 -14.31
C VAL C 25 -20.93 7.04 -13.91
N GLY C 26 -19.66 6.87 -14.26
CA GLY C 26 -18.62 7.82 -13.89
C GLY C 26 -17.38 7.11 -13.39
N VAL C 27 -16.44 7.89 -12.86
CA VAL C 27 -15.21 7.35 -12.30
C VAL C 27 -15.33 7.17 -10.80
N GLY C 28 -14.70 6.12 -10.31
CA GLY C 28 -14.66 5.80 -8.88
C GLY C 28 -13.70 4.65 -8.61
N ALA C 29 -13.45 4.38 -7.34
CA ALA C 29 -12.55 3.31 -6.96
C ALA C 29 -13.04 1.94 -7.45
N LEU C 30 -14.34 1.69 -7.28
CA LEU C 30 -14.94 0.40 -7.64
C LEU C 30 -16.27 0.53 -8.40
N ALA C 31 -16.62 -0.52 -9.14
CA ALA C 31 -17.91 -0.63 -9.83
C ALA C 31 -18.43 -2.06 -9.75
N ILE C 32 -19.75 -2.24 -9.81
CA ILE C 32 -20.34 -3.58 -9.80
C ILE C 32 -21.07 -3.89 -11.10
N VAL C 33 -20.74 -5.02 -11.70
CA VAL C 33 -21.53 -5.57 -12.79
C VAL C 33 -22.18 -6.79 -12.20
N ARG C 34 -23.51 -6.88 -12.31
CA ARG C 34 -24.21 -8.04 -11.76
C ARG C 34 -25.03 -8.83 -12.75
N ILE C 35 -25.06 -10.14 -12.54
CA ILE C 35 -25.77 -11.06 -13.44
C ILE C 35 -26.66 -12.01 -12.64
N SER C 36 -27.82 -12.36 -13.20
CA SER C 36 -28.79 -13.24 -12.55
C SER C 36 -29.60 -14.06 -13.57
N GLY C 37 -30.02 -15.26 -13.17
CA GLY C 37 -30.79 -16.14 -14.05
C GLY C 37 -30.41 -17.61 -13.98
N ALA C 38 -30.63 -18.33 -15.08
CA ALA C 38 -30.42 -19.78 -15.11
C ALA C 38 -28.99 -20.14 -15.47
N GLY C 39 -28.37 -20.94 -14.61
CA GLY C 39 -26.98 -21.39 -14.78
C GLY C 39 -25.99 -20.25 -14.89
N VAL C 40 -26.21 -19.22 -14.08
CA VAL C 40 -25.43 -17.99 -14.14
C VAL C 40 -23.99 -18.18 -13.68
N LEU C 41 -23.80 -18.87 -12.56
CA LEU C 41 -22.46 -19.10 -12.06
C LEU C 41 -21.68 -20.15 -12.88
N ASP C 42 -22.39 -20.98 -13.63
CA ASP C 42 -21.72 -21.84 -14.62
C ASP C 42 -21.11 -20.99 -15.74
N LEU C 43 -21.85 -19.94 -16.10
CA LEU C 43 -21.45 -18.98 -17.12
C LEU C 43 -20.28 -18.16 -16.59
N ALA C 44 -20.39 -17.73 -15.33
CA ALA C 44 -19.34 -16.97 -14.66
C ALA C 44 -18.05 -17.77 -14.59
N ASP C 45 -18.17 -19.06 -14.29
CA ASP C 45 -17.04 -19.98 -14.25
C ASP C 45 -16.22 -19.99 -15.54
N ARG C 46 -16.86 -19.68 -16.65
CA ARG C 46 -16.20 -19.74 -17.94
C ARG C 46 -15.39 -18.48 -18.26
N VAL C 47 -15.50 -17.46 -17.42
CA VAL C 47 -14.73 -16.22 -17.59
C VAL C 47 -13.88 -15.83 -16.37
N PHE C 48 -14.23 -16.40 -15.21
CA PHE C 48 -13.57 -16.07 -13.95
C PHE C 48 -12.56 -17.13 -13.52
N ARG C 49 -11.33 -16.69 -13.26
CA ARG C 49 -10.26 -17.57 -12.78
C ARG C 49 -9.88 -17.25 -11.34
N LYS C 50 -10.19 -18.17 -10.43
CA LYS C 50 -9.79 -18.05 -9.04
C LYS C 50 -8.27 -18.22 -8.96
N VAL C 51 -7.63 -17.41 -8.12
CA VAL C 51 -6.16 -17.29 -8.12
C VAL C 51 -5.40 -18.57 -7.74
N HIS C 52 -5.74 -19.16 -6.60
CA HIS C 52 -4.97 -20.26 -6.01
C HIS C 52 -5.03 -21.59 -6.79
N GLY C 53 -6.02 -22.41 -6.47
CA GLY C 53 -6.24 -23.68 -7.15
C GLY C 53 -7.30 -23.52 -8.21
N SER C 54 -8.46 -24.12 -7.97
CA SER C 54 -9.60 -24.03 -8.89
C SER C 54 -10.93 -24.41 -8.21
N GLY C 55 -11.21 -23.75 -7.08
CA GLY C 55 -12.49 -23.90 -6.41
C GLY C 55 -13.57 -23.33 -7.30
N LYS C 56 -14.23 -24.22 -8.07
CA LYS C 56 -15.24 -23.82 -9.05
C LYS C 56 -16.37 -22.99 -8.43
N LEU C 57 -16.70 -21.89 -9.09
CA LEU C 57 -17.65 -20.90 -8.59
C LEU C 57 -19.04 -21.48 -8.44
N ALA C 58 -19.36 -22.44 -9.31
CA ALA C 58 -20.67 -23.09 -9.34
C ALA C 58 -20.91 -23.92 -8.08
N GLU C 59 -19.87 -24.63 -7.64
CA GLU C 59 -19.99 -25.49 -6.46
C GLU C 59 -19.62 -24.75 -5.17
N ALA C 60 -19.69 -23.43 -5.20
CA ALA C 60 -19.40 -22.62 -4.01
C ALA C 60 -20.65 -22.33 -3.20
N ALA C 61 -20.47 -22.01 -1.92
CA ALA C 61 -21.58 -21.71 -1.02
C ALA C 61 -22.11 -20.30 -1.25
N GLY C 62 -23.31 -20.04 -0.74
CA GLY C 62 -23.92 -18.72 -0.84
C GLY C 62 -23.22 -17.71 0.05
N TYR C 63 -23.28 -16.43 -0.33
CA TYR C 63 -22.67 -15.32 0.40
C TYR C 63 -21.17 -15.51 0.66
N THR C 64 -20.46 -16.01 -0.34
CA THR C 64 -19.02 -16.21 -0.26
C THR C 64 -18.34 -15.44 -1.38
N ALA C 65 -17.39 -14.59 -1.01
CA ALA C 65 -16.62 -13.79 -1.96
C ALA C 65 -15.43 -14.59 -2.48
N HIS C 66 -15.03 -14.32 -3.72
CA HIS C 66 -13.89 -15.01 -4.32
C HIS C 66 -13.01 -14.02 -5.07
N PHE C 67 -11.74 -13.98 -4.71
CA PHE C 67 -10.82 -13.05 -5.35
C PHE C 67 -10.16 -13.69 -6.57
N GLY C 68 -10.14 -12.97 -7.68
CA GLY C 68 -9.54 -13.47 -8.92
C GLY C 68 -9.52 -12.49 -10.09
N ARG C 69 -9.49 -13.05 -11.29
CA ARG C 69 -9.42 -12.25 -12.51
C ARG C 69 -10.46 -12.70 -13.52
N LEU C 70 -10.95 -11.74 -14.30
CA LEU C 70 -11.82 -12.04 -15.42
C LEU C 70 -10.99 -12.13 -16.69
N TYR C 71 -11.20 -13.20 -17.44
CA TYR C 71 -10.46 -13.43 -18.66
C TYR C 71 -11.36 -13.52 -19.89
N ASP C 72 -10.93 -12.85 -20.96
CA ASP C 72 -11.55 -12.97 -22.27
C ASP C 72 -10.65 -13.87 -23.11
N GLY C 73 -10.64 -15.15 -22.77
CA GLY C 73 -9.73 -16.10 -23.40
C GLY C 73 -8.32 -15.91 -22.88
N GLU C 74 -7.44 -15.41 -23.73
CA GLU C 74 -6.06 -15.17 -23.35
C GLU C 74 -5.89 -13.84 -22.62
N GLU C 75 -6.72 -12.87 -22.98
CA GLU C 75 -6.61 -11.50 -22.50
C GLU C 75 -7.19 -11.35 -21.10
N MET C 76 -6.48 -10.63 -20.22
CA MET C 76 -7.02 -10.26 -18.91
C MET C 76 -7.95 -9.09 -19.05
N VAL C 77 -9.03 -9.08 -18.27
CA VAL C 77 -10.01 -8.00 -18.35
C VAL C 77 -9.89 -7.09 -17.13
N ASP C 78 -9.87 -7.70 -15.95
CA ASP C 78 -9.69 -6.98 -14.71
C ASP C 78 -9.45 -7.93 -13.55
N GLU C 79 -9.06 -7.36 -12.42
CA GLU C 79 -8.90 -8.07 -11.18
C GLU C 79 -10.18 -7.78 -10.41
N VAL C 80 -10.91 -8.83 -10.06
CA VAL C 80 -12.23 -8.65 -9.43
C VAL C 80 -12.43 -9.49 -8.18
N ILE C 81 -13.41 -9.09 -7.37
CA ILE C 81 -13.94 -9.96 -6.33
C ILE C 81 -15.30 -10.41 -6.88
N ALA C 82 -15.57 -11.71 -6.83
CA ALA C 82 -16.83 -12.27 -7.31
C ALA C 82 -17.64 -12.81 -6.13
N LEU C 83 -18.84 -12.26 -5.95
CA LEU C 83 -19.72 -12.65 -4.85
C LEU C 83 -20.79 -13.62 -5.36
N VAL C 84 -20.96 -14.74 -4.66
CA VAL C 84 -21.86 -15.80 -5.11
C VAL C 84 -23.14 -15.82 -4.26
N PHE C 85 -24.29 -15.62 -4.92
CA PHE C 85 -25.60 -15.73 -4.29
C PHE C 85 -26.28 -17.02 -4.75
N ARG C 86 -26.90 -17.74 -3.81
CA ARG C 86 -27.30 -19.11 -4.10
C ARG C 86 -28.80 -19.39 -4.35
N ALA C 87 -29.45 -20.10 -3.43
CA ALA C 87 -30.73 -20.77 -3.77
C ALA C 87 -31.87 -19.77 -4.01
N PRO C 88 -32.75 -19.53 -3.00
CA PRO C 88 -33.62 -18.37 -3.13
C PRO C 88 -33.04 -17.13 -2.45
N ARG C 89 -31.83 -17.28 -1.91
CA ARG C 89 -31.23 -16.27 -1.04
C ARG C 89 -30.41 -15.26 -1.83
N SER C 90 -31.12 -14.35 -2.50
CA SER C 90 -30.52 -13.28 -3.30
C SER C 90 -31.58 -12.24 -3.67
N PHE C 91 -31.15 -11.11 -4.21
CA PHE C 91 -32.09 -10.05 -4.58
C PHE C 91 -33.22 -10.52 -5.49
N THR C 92 -32.87 -11.24 -6.55
CA THR C 92 -33.86 -11.71 -7.52
C THR C 92 -34.41 -13.10 -7.19
N ALA C 93 -34.00 -13.65 -6.04
CA ALA C 93 -34.35 -15.01 -5.60
C ALA C 93 -33.90 -16.14 -6.53
N GLU C 94 -33.33 -15.79 -7.69
CA GLU C 94 -32.64 -16.74 -8.54
C GLU C 94 -31.18 -16.70 -8.15
N GLN C 95 -30.38 -17.61 -8.69
CA GLN C 95 -28.94 -17.53 -8.43
C GLN C 95 -28.31 -16.41 -9.22
N MET C 96 -27.48 -15.63 -8.55
CA MET C 96 -26.77 -14.54 -9.20
C MET C 96 -25.34 -14.41 -8.71
N VAL C 97 -24.53 -13.69 -9.47
CA VAL C 97 -23.19 -13.31 -9.04
C VAL C 97 -22.93 -11.84 -9.40
N GLU C 98 -22.31 -11.13 -8.47
CA GLU C 98 -21.94 -9.74 -8.69
C GLU C 98 -20.41 -9.60 -8.67
N PHE C 99 -19.85 -9.31 -9.84
CA PHE C 99 -18.43 -9.01 -9.93
C PHE C 99 -18.21 -7.55 -9.56
N THR C 100 -17.56 -7.30 -8.44
CA THR C 100 -17.13 -5.96 -8.10
C THR C 100 -15.70 -5.77 -8.62
N CYS C 101 -15.53 -4.76 -9.47
CA CYS C 101 -14.28 -4.53 -10.21
C CYS C 101 -13.86 -3.06 -10.16
N HIS C 102 -12.78 -2.72 -10.88
CA HIS C 102 -12.23 -1.36 -10.86
C HIS C 102 -13.17 -0.35 -11.48
N GLY C 103 -13.33 0.79 -10.81
CA GLY C 103 -14.38 1.76 -11.15
C GLY C 103 -14.21 2.64 -12.38
N GLY C 104 -13.60 2.09 -13.43
CA GLY C 104 -13.36 2.85 -14.65
C GLY C 104 -14.35 2.51 -15.75
N PRO C 105 -14.94 3.55 -16.37
CA PRO C 105 -15.88 3.43 -17.49
C PRO C 105 -15.41 2.42 -18.54
N VAL C 106 -14.16 2.55 -18.99
CA VAL C 106 -13.61 1.61 -19.96
C VAL C 106 -13.58 0.18 -19.44
N VAL C 107 -13.13 0.01 -18.19
CA VAL C 107 -12.99 -1.32 -17.58
C VAL C 107 -14.34 -1.95 -17.34
N VAL C 108 -15.20 -1.23 -16.64
CA VAL C 108 -16.54 -1.71 -16.31
C VAL C 108 -17.35 -2.03 -17.57
N GLY C 109 -17.19 -1.19 -18.59
CA GLY C 109 -17.83 -1.41 -19.88
C GLY C 109 -17.36 -2.70 -20.52
N ARG C 110 -16.04 -2.92 -20.44
CA ARG C 110 -15.41 -4.12 -21.00
C ARG C 110 -15.79 -5.38 -20.21
N VAL C 111 -16.04 -5.21 -18.91
CA VAL C 111 -16.47 -6.31 -18.05
C VAL C 111 -17.88 -6.72 -18.43
N LEU C 112 -18.75 -5.74 -18.70
CA LEU C 112 -20.13 -6.00 -19.10
C LEU C 112 -20.23 -6.78 -20.40
N ARG C 113 -19.46 -6.35 -21.40
CA ARG C 113 -19.43 -7.02 -22.70
C ARG C 113 -18.94 -8.46 -22.59
N LEU C 114 -18.03 -8.71 -21.64
CA LEU C 114 -17.55 -10.07 -21.39
C LEU C 114 -18.69 -10.99 -20.95
N MET C 115 -19.58 -10.47 -20.11
CA MET C 115 -20.76 -11.21 -19.68
C MET C 115 -21.73 -11.39 -20.85
N LEU C 116 -21.94 -10.31 -21.60
CA LEU C 116 -22.86 -10.32 -22.72
C LEU C 116 -22.39 -11.29 -23.80
N ASP C 117 -21.10 -11.22 -24.13
CA ASP C 117 -20.52 -12.10 -25.16
C ASP C 117 -20.53 -13.56 -24.74
N ASN C 118 -20.70 -13.81 -23.44
CA ASN C 118 -20.65 -15.17 -22.92
C ASN C 118 -21.97 -15.81 -22.52
N GLY C 119 -23.08 -15.21 -22.95
CA GLY C 119 -24.39 -15.83 -22.77
C GLY C 119 -25.46 -14.99 -22.11
N CYS C 120 -25.08 -13.85 -21.54
CA CYS C 120 -26.05 -12.97 -20.91
C CYS C 120 -26.70 -12.04 -21.91
N ARG C 121 -28.02 -11.91 -21.80
CA ARG C 121 -28.75 -10.88 -22.49
C ARG C 121 -28.69 -9.65 -21.58
N LEU C 122 -28.62 -8.45 -22.16
CA LEU C 122 -28.60 -7.23 -21.37
C LEU C 122 -29.92 -7.06 -20.63
N ALA C 123 -29.84 -6.79 -19.34
CA ALA C 123 -31.02 -6.58 -18.50
C ALA C 123 -31.83 -5.40 -18.99
N GLU C 124 -33.14 -5.48 -18.82
CA GLU C 124 -34.05 -4.40 -19.19
C GLU C 124 -34.33 -3.51 -17.98
N PRO C 125 -34.80 -2.27 -18.23
CA PRO C 125 -35.18 -1.38 -17.14
C PRO C 125 -35.95 -2.09 -16.04
N GLY C 126 -35.38 -2.07 -14.83
CA GLY C 126 -36.01 -2.65 -13.65
C GLY C 126 -36.04 -4.17 -13.53
N GLU C 127 -35.74 -4.87 -14.63
CA GLU C 127 -35.83 -6.34 -14.69
C GLU C 127 -35.40 -7.07 -13.42
N PHE C 128 -34.31 -6.59 -12.79
CA PHE C 128 -33.83 -7.17 -11.55
C PHE C 128 -34.86 -7.09 -10.42
N THR C 129 -35.35 -5.88 -10.17
CA THR C 129 -36.34 -5.65 -9.13
C THR C 129 -37.67 -6.32 -9.45
N ARG C 130 -38.05 -6.30 -10.73
CA ARG C 130 -39.25 -6.99 -11.19
C ARG C 130 -39.19 -8.47 -10.81
N ARG C 131 -38.04 -9.10 -11.07
CA ARG C 131 -37.85 -10.52 -10.76
C ARG C 131 -37.92 -10.77 -9.27
N ALA C 132 -37.49 -9.78 -8.49
CA ALA C 132 -37.58 -9.84 -7.04
C ALA C 132 -39.03 -9.96 -6.64
N PHE C 133 -39.86 -9.13 -7.27
CA PHE C 133 -41.30 -9.12 -7.00
C PHE C 133 -41.98 -10.38 -7.50
N LEU C 134 -41.70 -10.74 -8.75
CA LEU C 134 -42.27 -11.90 -9.40
C LEU C 134 -41.97 -13.23 -8.70
N ASN C 135 -40.80 -13.34 -8.10
CA ASN C 135 -40.44 -14.56 -7.36
C ASN C 135 -40.84 -14.52 -5.90
N GLY C 136 -41.47 -13.41 -5.50
CA GLY C 136 -42.13 -13.30 -4.20
C GLY C 136 -41.26 -12.98 -3.01
N ARG C 137 -40.04 -12.54 -3.26
CA ARG C 137 -39.15 -12.11 -2.18
C ARG C 137 -39.54 -10.71 -1.72
N ILE C 138 -40.18 -9.97 -2.60
CA ILE C 138 -40.61 -8.62 -2.34
C ILE C 138 -42.04 -8.43 -2.89
N ASP C 139 -42.83 -7.58 -2.23
CA ASP C 139 -44.16 -7.23 -2.78
C ASP C 139 -44.08 -5.95 -3.61
N LEU C 140 -45.13 -5.62 -4.33
CA LEU C 140 -45.07 -4.51 -5.28
C LEU C 140 -44.78 -3.17 -4.62
N LEU C 141 -45.21 -2.99 -3.38
CA LEU C 141 -44.92 -1.78 -2.61
C LEU C 141 -43.44 -1.65 -2.31
N GLN C 142 -42.85 -2.75 -1.86
CA GLN C 142 -41.45 -2.80 -1.51
C GLN C 142 -40.60 -2.62 -2.76
N ALA C 143 -41.03 -3.23 -3.86
CA ALA C 143 -40.37 -3.04 -5.15
C ALA C 143 -40.45 -1.60 -5.65
N GLU C 144 -41.53 -0.91 -5.32
CA GLU C 144 -41.64 0.51 -5.66
C GLU C 144 -40.71 1.32 -4.77
N ALA C 145 -40.63 0.93 -3.50
CA ALA C 145 -39.84 1.62 -2.49
C ALA C 145 -38.33 1.61 -2.79
N ILE C 146 -37.85 0.49 -3.32
CA ILE C 146 -36.45 0.33 -3.70
C ILE C 146 -36.03 1.39 -4.71
N GLY C 147 -36.81 1.52 -5.79
CA GLY C 147 -36.57 2.53 -6.81
C GLY C 147 -36.67 3.94 -6.26
N GLU C 148 -37.63 4.15 -5.36
CA GLU C 148 -37.84 5.44 -4.72
C GLU C 148 -36.69 5.86 -3.83
N MET C 149 -36.11 4.89 -3.12
CA MET C 149 -34.98 5.13 -2.23
C MET C 149 -33.72 5.55 -2.99
N ILE C 150 -33.48 4.89 -4.11
CA ILE C 150 -32.33 5.21 -4.95
C ILE C 150 -32.45 6.63 -5.52
N HIS C 151 -33.59 6.93 -6.15
CA HIS C 151 -33.78 8.21 -6.82
C HIS C 151 -34.19 9.37 -5.88
N ALA C 152 -34.44 9.05 -4.60
CA ALA C 152 -34.81 10.05 -3.59
C ALA C 152 -33.86 11.26 -3.54
N ARG C 153 -34.40 12.42 -3.16
CA ARG C 153 -33.65 13.67 -3.17
C ARG C 153 -33.84 14.49 -1.89
N THR C 154 -34.48 13.88 -0.88
CA THR C 154 -34.79 14.55 0.37
C THR C 154 -34.58 13.60 1.54
N GLU C 155 -34.32 14.17 2.72
CA GLU C 155 -34.28 13.39 3.95
C GLU C 155 -35.62 12.69 4.14
N SER C 156 -36.71 13.44 3.98
CA SER C 156 -38.06 12.90 4.06
C SER C 156 -38.32 11.84 2.99
N ALA C 157 -38.00 12.16 1.73
CA ALA C 157 -38.20 11.23 0.62
C ALA C 157 -37.51 9.90 0.89
N TYR C 158 -36.23 9.97 1.27
CA TYR C 158 -35.45 8.81 1.68
C TYR C 158 -36.05 8.05 2.86
N ARG C 159 -36.41 8.79 3.92
CA ARG C 159 -36.96 8.17 5.13
C ARG C 159 -38.27 7.41 4.87
N THR C 160 -39.10 7.97 3.99
CA THR C 160 -40.40 7.37 3.64
C THR C 160 -40.19 6.08 2.87
N ALA C 161 -39.24 6.11 1.95
CA ALA C 161 -38.85 4.93 1.18
C ALA C 161 -38.38 3.79 2.09
N VAL C 162 -37.60 4.12 3.12
CA VAL C 162 -37.15 3.15 4.11
C VAL C 162 -38.34 2.50 4.82
N SER C 163 -39.26 3.33 5.32
CA SER C 163 -40.46 2.86 5.98
C SER C 163 -41.23 1.87 5.09
N GLN C 164 -41.29 2.17 3.80
CA GLN C 164 -42.07 1.38 2.85
C GLN C 164 -41.32 0.11 2.41
N MET C 165 -39.99 0.22 2.32
CA MET C 165 -39.14 -0.91 1.96
C MET C 165 -39.10 -1.95 3.08
N LYS C 166 -39.26 -1.49 4.31
CA LYS C 166 -39.51 -2.36 5.46
C LYS C 166 -40.83 -3.08 5.28
N GLY C 167 -41.79 -2.36 4.69
CA GLY C 167 -43.14 -2.87 4.48
C GLY C 167 -44.13 -2.38 5.53
N ASP C 168 -43.90 -1.17 6.04
CA ASP C 168 -44.78 -0.57 7.04
C ASP C 168 -46.20 -0.37 6.54
N LEU C 169 -46.33 0.16 5.32
CA LEU C 169 -47.63 0.24 4.65
C LEU C 169 -48.17 -1.17 4.39
N SER C 170 -47.28 -2.08 4.00
CA SER C 170 -47.65 -3.45 3.63
C SER C 170 -48.31 -4.26 4.76
N VAL C 171 -47.77 -4.13 5.97
CA VAL C 171 -48.37 -4.76 7.16
C VAL C 171 -49.71 -4.09 7.50
N ARG C 172 -49.76 -2.78 7.29
CA ARG C 172 -50.97 -1.98 7.49
C ARG C 172 -52.10 -2.40 6.53
N LEU C 173 -51.71 -2.76 5.31
CA LEU C 173 -52.69 -3.21 4.31
C LEU C 173 -53.13 -4.64 4.57
N GLY C 174 -52.17 -5.56 4.74
CA GLY C 174 -52.48 -6.94 5.11
C GLY C 174 -53.42 -7.03 6.31
N GLY C 175 -53.43 -5.97 7.11
CA GLY C 175 -54.38 -5.83 8.22
C GLY C 175 -55.79 -5.60 7.72
N LEU C 176 -55.93 -4.74 6.71
CA LEU C 176 -57.23 -4.49 6.09
C LEU C 176 -57.64 -5.66 5.21
N ARG C 177 -56.67 -6.27 4.54
CA ARG C 177 -56.88 -7.44 3.68
C ARG C 177 -57.61 -8.55 4.44
N GLU C 178 -57.12 -8.86 5.64
CA GLU C 178 -57.72 -9.91 6.45
C GLU C 178 -59.00 -9.46 7.16
N GLN C 179 -59.16 -8.14 7.34
CA GLN C 179 -60.40 -7.56 7.88
C GLN C 179 -61.52 -7.67 6.85
N LEU C 180 -61.20 -7.38 5.59
CA LEU C 180 -62.13 -7.54 4.48
C LEU C 180 -62.49 -9.01 4.28
N ILE C 181 -61.48 -9.89 4.32
CA ILE C 181 -61.68 -11.34 4.26
C ILE C 181 -62.67 -11.83 5.32
N ARG C 182 -62.57 -11.25 6.53
CA ARG C 182 -63.46 -11.57 7.64
C ARG C 182 -64.86 -11.01 7.43
N SER C 183 -64.92 -9.77 6.95
CA SER C 183 -66.17 -9.08 6.70
C SER C 183 -66.85 -9.67 5.47
N CYS C 184 -66.04 -10.07 4.49
CA CYS C 184 -66.53 -10.68 3.25
C CYS C 184 -67.20 -12.02 3.56
N ALA C 185 -66.54 -12.86 4.34
CA ALA C 185 -67.04 -14.20 4.66
C ALA C 185 -68.25 -14.22 5.61
N LEU C 186 -68.58 -13.08 6.20
CA LEU C 186 -69.76 -12.98 7.07
C LEU C 186 -71.05 -12.97 6.25
N ILE C 187 -71.08 -12.15 5.21
CA ILE C 187 -72.23 -12.09 4.30
C ILE C 187 -72.30 -13.34 3.43
N GLU C 188 -71.14 -13.84 3.03
CA GLU C 188 -71.06 -15.07 2.23
C GLU C 188 -71.59 -16.29 3.01
N LEU C 189 -71.78 -16.13 4.32
CA LEU C 189 -72.43 -17.13 5.17
C LEU C 189 -73.94 -16.90 5.23
N GLU C 190 -74.33 -15.63 5.15
CA GLU C 190 -75.73 -15.22 5.06
C GLU C 190 -76.34 -15.68 3.74
N LEU C 191 -75.51 -15.80 2.71
CA LEU C 191 -75.93 -16.25 1.37
C LEU C 191 -75.80 -17.77 1.16
N ASP C 192 -75.39 -18.49 2.20
CA ASP C 192 -75.49 -19.95 2.23
C ASP C 192 -76.87 -20.30 2.79
N PHE C 193 -77.20 -19.68 3.92
CA PHE C 193 -78.56 -19.64 4.48
C PHE C 193 -79.42 -20.89 4.27
N SER C 194 -80.60 -20.68 3.69
CA SER C 194 -81.68 -21.67 3.53
C SER C 194 -82.68 -21.63 4.70
N GLU C 195 -82.25 -21.06 5.82
CA GLU C 195 -83.05 -20.82 7.04
C GLU C 195 -82.14 -20.42 8.21
N GLU C 196 -80.89 -20.07 7.88
CA GLU C 196 -79.81 -19.90 8.86
C GLU C 196 -79.81 -18.54 9.59
N ASP C 197 -80.70 -18.39 10.57
CA ASP C 197 -80.72 -17.23 11.46
C ASP C 197 -80.28 -17.66 12.88
N VAL C 198 -78.98 -17.59 13.13
CA VAL C 198 -78.37 -18.08 14.39
C VAL C 198 -78.18 -16.96 15.43
N GLU C 199 -79.24 -16.19 15.67
CA GLU C 199 -79.20 -15.00 16.54
C GLU C 199 -77.94 -14.16 16.30
N PHE C 200 -77.22 -13.79 17.37
CA PHE C 200 -75.95 -13.02 17.30
C PHE C 200 -75.80 -12.19 16.02
N GLN C 201 -76.75 -11.26 15.83
CA GLN C 201 -77.01 -10.52 14.57
C GLN C 201 -75.87 -10.29 13.57
N SER C 202 -76.19 -10.46 12.28
CA SER C 202 -75.25 -10.22 11.19
C SER C 202 -75.17 -8.75 10.77
N ARG C 203 -76.34 -8.11 10.70
CA ARG C 203 -76.46 -6.75 10.15
C ARG C 203 -75.78 -5.63 10.97
N ASP C 204 -75.95 -5.68 12.30
CA ASP C 204 -75.32 -4.69 13.20
C ASP C 204 -73.81 -4.88 13.29
N GLU C 205 -73.38 -6.12 13.53
CA GLU C 205 -71.96 -6.48 13.64
C GLU C 205 -71.14 -6.09 12.40
N LEU C 206 -71.79 -6.14 11.24
CA LEU C 206 -71.10 -5.89 9.98
C LEU C 206 -71.05 -4.41 9.59
N THR C 207 -72.15 -3.68 9.78
CA THR C 207 -72.19 -2.25 9.46
C THR C 207 -71.03 -1.51 10.13
N MET C 208 -70.70 -1.92 11.36
CA MET C 208 -69.55 -1.36 12.09
C MET C 208 -68.21 -1.86 11.53
N GLN C 209 -68.14 -3.15 11.19
CA GLN C 209 -66.96 -3.72 10.55
C GLN C 209 -66.57 -2.98 9.28
N ILE C 210 -67.59 -2.57 8.51
CA ILE C 210 -67.37 -1.77 7.30
C ILE C 210 -66.92 -0.35 7.68
N GLU C 211 -67.53 0.22 8.71
CA GLU C 211 -67.22 1.58 9.16
C GLU C 211 -65.83 1.71 9.77
N THR C 212 -65.41 0.71 10.54
CA THR C 212 -64.05 0.61 11.05
C THR C 212 -63.09 0.62 9.88
N LEU C 213 -63.32 -0.28 8.93
CA LEU C 213 -62.49 -0.38 7.72
C LEU C 213 -62.55 0.85 6.82
N ARG C 214 -63.58 1.68 6.97
CA ARG C 214 -63.72 2.83 6.11
C ARG C 214 -62.89 4.03 6.55
N SER C 215 -62.91 4.34 7.84
CA SER C 215 -62.08 5.41 8.40
C SER C 215 -60.62 4.97 8.48
N GLU C 216 -60.41 3.65 8.44
CA GLU C 216 -59.09 3.06 8.27
C GLU C 216 -58.51 3.44 6.92
N VAL C 217 -59.29 3.21 5.87
CA VAL C 217 -58.89 3.50 4.50
C VAL C 217 -58.85 4.99 4.23
N ASN C 218 -59.87 5.71 4.69
CA ASN C 218 -59.93 7.17 4.51
C ASN C 218 -58.74 7.92 5.09
N ARG C 219 -58.27 7.47 6.26
CA ARG C 219 -57.07 8.02 6.88
C ARG C 219 -55.89 7.94 5.93
N LEU C 220 -55.71 6.77 5.33
CA LEU C 220 -54.64 6.53 4.37
C LEU C 220 -54.78 7.38 3.11
N ILE C 221 -56.02 7.66 2.71
CA ILE C 221 -56.29 8.50 1.54
C ILE C 221 -55.82 9.95 1.79
N ASP C 222 -55.95 10.40 3.03
CA ASP C 222 -55.52 11.74 3.44
C ASP C 222 -54.00 11.90 3.48
N SER C 223 -53.29 10.79 3.66
CA SER C 223 -51.83 10.79 3.68
C SER C 223 -51.25 11.32 2.37
N TYR C 224 -51.89 10.94 1.25
CA TYR C 224 -51.42 11.34 -0.08
C TYR C 224 -51.32 12.86 -0.24
N GLN C 225 -52.33 13.56 0.28
CA GLN C 225 -52.33 15.02 0.39
C GLN C 225 -50.94 15.53 0.76
N HIS C 226 -50.34 14.92 1.78
CA HIS C 226 -48.99 15.27 2.23
C HIS C 226 -47.89 14.49 1.49
N GLY C 227 -48.04 13.16 1.44
CA GLY C 227 -47.03 12.27 0.85
C GLY C 227 -46.60 12.57 -0.58
N ARG C 228 -47.51 13.16 -1.37
CA ARG C 228 -47.19 13.57 -2.74
C ARG C 228 -46.09 14.63 -2.76
N ILE C 229 -46.22 15.61 -1.86
CA ILE C 229 -45.23 16.67 -1.67
C ILE C 229 -43.89 16.08 -1.21
N VAL C 230 -43.94 15.05 -0.37
CA VAL C 230 -42.74 14.33 0.08
C VAL C 230 -42.06 13.59 -1.09
N SER C 231 -42.89 13.02 -1.97
CA SER C 231 -42.42 12.23 -3.11
C SER C 231 -41.81 13.07 -4.24
N GLU C 232 -42.56 14.06 -4.71
CA GLU C 232 -42.18 14.83 -5.91
C GLU C 232 -42.17 16.36 -5.70
N GLY C 233 -42.24 16.79 -4.44
CA GLY C 233 -42.05 18.21 -4.10
C GLY C 233 -43.29 19.08 -4.19
N SER C 406 -47.19 8.86 11.56
CA SER C 406 -48.03 7.81 10.97
C SER C 406 -47.62 7.50 9.52
N VAL C 407 -48.08 6.36 9.01
CA VAL C 407 -47.72 5.88 7.66
C VAL C 407 -48.26 6.77 6.53
N LEU C 408 -47.41 7.07 5.54
CA LEU C 408 -47.77 7.90 4.39
C LEU C 408 -48.03 7.09 3.12
N VAL C 409 -48.79 7.65 2.18
CA VAL C 409 -48.88 7.06 0.83
C VAL C 409 -48.34 7.98 -0.27
N THR C 410 -47.35 7.47 -0.99
CA THR C 410 -46.73 8.15 -2.11
C THR C 410 -47.56 7.94 -3.40
N SER C 411 -47.03 8.44 -4.52
CA SER C 411 -47.75 8.64 -5.81
C SER C 411 -48.99 7.82 -6.20
N LEU C 412 -49.93 8.54 -6.83
CA LEU C 412 -51.31 8.07 -7.09
C LEU C 412 -51.41 6.81 -7.96
N ARG C 413 -51.58 5.70 -7.28
CA ARG C 413 -51.99 4.45 -7.88
C ARG C 413 -52.53 3.81 -6.64
N HIS C 414 -51.69 3.83 -5.61
CA HIS C 414 -52.10 3.55 -4.24
C HIS C 414 -53.25 4.46 -3.87
N TYR C 415 -53.06 5.76 -4.06
CA TYR C 415 -54.11 6.74 -3.76
C TYR C 415 -55.42 6.38 -4.48
N GLU C 416 -55.34 6.27 -5.80
CA GLU C 416 -56.51 6.01 -6.64
C GLU C 416 -57.21 4.69 -6.35
N ALA C 417 -56.44 3.64 -6.10
CA ALA C 417 -57.01 2.36 -5.73
C ALA C 417 -57.59 2.37 -4.32
N LEU C 418 -57.10 3.25 -3.46
CA LEU C 418 -57.66 3.42 -2.12
C LEU C 418 -58.99 4.18 -2.15
N ARG C 419 -59.13 5.05 -3.14
CA ARG C 419 -60.37 5.78 -3.38
C ARG C 419 -61.47 4.81 -3.75
N ASN C 420 -61.21 4.02 -4.79
CA ASN C 420 -62.13 2.99 -5.26
C ASN C 420 -62.49 2.01 -4.15
N ALA C 421 -61.50 1.66 -3.33
CA ALA C 421 -61.72 0.81 -2.17
C ALA C 421 -62.71 1.46 -1.20
N SER C 422 -62.59 2.77 -1.01
CA SER C 422 -63.47 3.51 -0.10
C SER C 422 -64.88 3.62 -0.65
N ASP C 423 -64.98 3.95 -1.94
CA ASP C 423 -66.26 4.04 -2.64
C ASP C 423 -67.07 2.75 -2.50
N ALA C 424 -66.43 1.62 -2.82
CA ALA C 424 -67.08 0.31 -2.71
C ALA C 424 -67.45 -0.02 -1.28
N LEU C 425 -66.58 0.33 -0.33
CA LEU C 425 -66.86 0.14 1.08
C LEU C 425 -68.10 0.95 1.49
N GLN C 426 -68.19 2.16 0.96
CA GLN C 426 -69.29 3.07 1.28
C GLN C 426 -70.55 2.76 0.46
N ASN C 427 -70.37 2.18 -0.73
CA ASN C 427 -71.47 1.61 -1.50
C ASN C 427 -72.13 0.48 -0.71
N ALA C 428 -71.28 -0.41 -0.18
CA ALA C 428 -71.74 -1.55 0.62
C ALA C 428 -72.39 -1.10 1.92
N LEU C 429 -71.85 -0.01 2.48
CA LEU C 429 -72.31 0.55 3.74
C LEU C 429 -73.74 1.10 3.60
N GLU C 430 -73.95 1.86 2.53
CA GLU C 430 -75.22 2.48 2.19
C GLU C 430 -76.26 1.43 1.77
N LEU C 431 -75.76 0.38 1.11
CA LEU C 431 -76.57 -0.70 0.58
C LEU C 431 -77.27 -1.49 1.69
N ILE C 432 -76.65 -1.53 2.89
CA ILE C 432 -77.24 -2.18 4.05
C ILE C 432 -78.35 -1.32 4.63
N ALA C 433 -78.07 -0.01 4.73
CA ALA C 433 -79.04 0.97 5.20
C ALA C 433 -80.30 0.99 4.33
N HIS C 434 -80.14 0.68 3.05
CA HIS C 434 -81.25 0.59 2.09
C HIS C 434 -81.85 -0.83 1.99
N GLU C 435 -81.36 -1.74 2.85
CA GLU C 435 -81.88 -3.11 2.96
C GLU C 435 -81.88 -3.93 1.66
N SER C 436 -80.84 -3.82 0.86
CA SER C 436 -80.78 -4.55 -0.42
C SER C 436 -80.17 -5.95 -0.29
N GLU C 437 -80.27 -6.73 -1.37
CA GLU C 437 -79.85 -8.15 -1.40
C GLU C 437 -78.42 -8.36 -0.94
N THR C 438 -78.18 -9.49 -0.28
CA THR C 438 -76.85 -9.86 0.19
C THR C 438 -75.86 -10.02 -0.96
N GLU C 439 -76.34 -10.53 -2.09
CA GLU C 439 -75.52 -10.72 -3.28
C GLU C 439 -74.83 -9.43 -3.72
N LEU C 440 -75.55 -8.31 -3.68
CA LEU C 440 -75.01 -7.00 -4.05
C LEU C 440 -74.03 -6.44 -3.04
N ILE C 441 -74.28 -6.72 -1.76
CA ILE C 441 -73.44 -6.24 -0.66
C ILE C 441 -72.10 -6.99 -0.62
N ALA C 442 -72.17 -8.32 -0.72
CA ALA C 442 -70.98 -9.16 -0.75
C ALA C 442 -70.14 -8.88 -2.00
N PHE C 443 -70.77 -8.34 -3.03
CA PHE C 443 -70.10 -8.08 -4.30
C PHE C 443 -69.32 -6.76 -4.30
N GLU C 444 -69.61 -5.90 -3.33
CA GLU C 444 -68.86 -4.66 -3.16
C GLU C 444 -67.64 -4.89 -2.28
N LEU C 445 -67.79 -5.76 -1.28
CA LEU C 445 -66.69 -6.15 -0.42
C LEU C 445 -65.61 -6.89 -1.22
N ARG C 446 -66.05 -7.72 -2.17
CA ARG C 446 -65.13 -8.36 -3.09
C ARG C 446 -64.36 -7.32 -3.90
N ALA C 447 -65.08 -6.29 -4.38
CA ALA C 447 -64.46 -5.23 -5.18
C ALA C 447 -63.49 -4.39 -4.38
N ALA C 448 -63.81 -4.16 -3.11
CA ALA C 448 -62.94 -3.40 -2.21
C ALA C 448 -61.64 -4.13 -1.98
N LEU C 449 -61.75 -5.41 -1.61
CA LEU C 449 -60.61 -6.29 -1.38
C LEU C 449 -59.70 -6.37 -2.60
N ASP C 450 -60.31 -6.46 -3.77
CA ASP C 450 -59.57 -6.56 -5.03
C ASP C 450 -58.75 -5.29 -5.31
N TYR C 451 -59.27 -4.14 -4.88
CA TYR C 451 -58.57 -2.88 -5.03
C TYR C 451 -57.39 -2.77 -4.06
N VAL C 452 -57.59 -3.20 -2.82
CA VAL C 452 -56.52 -3.19 -1.81
C VAL C 452 -55.39 -4.12 -2.24
N GLY C 453 -55.74 -5.31 -2.71
CA GLY C 453 -54.78 -6.26 -3.24
C GLY C 453 -54.06 -5.75 -4.47
N GLN C 454 -54.74 -4.91 -5.23
CA GLN C 454 -54.18 -4.28 -6.43
C GLN C 454 -52.90 -3.51 -6.14
N ILE C 455 -52.83 -2.86 -4.97
CA ILE C 455 -51.69 -1.99 -4.67
C ILE C 455 -50.43 -2.75 -4.21
N THR C 456 -50.62 -3.91 -3.59
CA THR C 456 -49.49 -4.77 -3.21
C THR C 456 -49.15 -5.81 -4.28
N GLY C 457 -49.71 -5.64 -5.47
CA GLY C 457 -49.47 -6.55 -6.58
C GLY C 457 -50.21 -7.88 -6.49
N LYS C 458 -50.99 -8.08 -5.43
CA LYS C 458 -51.76 -9.30 -5.22
C LYS C 458 -52.59 -9.64 -6.44
N VAL C 459 -53.15 -8.60 -7.07
CA VAL C 459 -53.74 -8.74 -8.38
C VAL C 459 -52.77 -8.10 -9.37
N VAL C 460 -52.10 -8.94 -10.16
CA VAL C 460 -51.12 -8.49 -11.16
C VAL C 460 -51.82 -7.84 -12.35
N ASN C 461 -51.12 -6.95 -13.04
CA ASN C 461 -51.67 -6.33 -14.24
C ASN C 461 -50.76 -6.53 -15.46
N GLU C 462 -49.46 -6.52 -15.21
CA GLU C 462 -48.43 -6.68 -16.25
C GLU C 462 -48.53 -5.61 -17.35
N GLU C 463 -49.18 -4.51 -17.02
CA GLU C 463 -49.13 -3.29 -17.81
C GLU C 463 -48.92 -2.18 -16.81
N VAL C 464 -49.44 -2.41 -15.60
CA VAL C 464 -49.11 -1.60 -14.44
C VAL C 464 -47.66 -1.91 -14.08
N LEU C 465 -47.29 -3.20 -14.11
CA LEU C 465 -45.91 -3.62 -13.88
C LEU C 465 -44.94 -2.92 -14.81
N ASN C 466 -45.37 -2.63 -16.04
CA ASN C 466 -44.51 -1.97 -17.00
C ASN C 466 -44.33 -0.48 -16.73
N THR C 467 -45.43 0.23 -16.48
CA THR C 467 -45.37 1.67 -16.22
C THR C 467 -44.61 1.97 -14.92
N ILE C 468 -44.49 0.96 -14.05
CA ILE C 468 -43.67 1.06 -12.85
C ILE C 468 -42.19 0.83 -13.18
N PHE C 469 -41.87 -0.34 -13.73
CA PHE C 469 -40.50 -0.77 -13.95
C PHE C 469 -39.82 -0.19 -15.18
N ASP C 470 -40.55 0.61 -15.97
CA ASP C 470 -39.93 1.32 -17.10
C ASP C 470 -39.20 2.57 -16.61
N LYS C 471 -39.63 3.07 -15.45
CA LYS C 471 -38.98 4.22 -14.81
C LYS C 471 -37.66 3.83 -14.14
N PHE C 472 -37.44 2.52 -13.98
CA PHE C 472 -36.27 2.00 -13.28
C PHE C 472 -35.05 1.99 -14.19
N CYS C 473 -33.89 2.31 -13.60
CA CYS C 473 -32.61 2.35 -14.32
C CYS C 473 -32.20 0.94 -14.70
N ILE C 474 -31.51 0.79 -15.84
CA ILE C 474 -31.07 -0.53 -16.27
C ILE C 474 -30.10 -1.14 -15.25
N GLY C 475 -30.61 -2.10 -14.49
CA GLY C 475 -29.83 -2.82 -13.49
C GLY C 475 -30.49 -2.86 -12.13
N LYS C 476 -31.83 -2.94 -12.10
CA LYS C 476 -32.66 -2.77 -10.90
C LYS C 476 -33.05 -1.32 -10.69
PG GCP D . 27.99 0.13 52.46
O1G GCP D . 28.13 0.27 50.97
O2G GCP D . 27.27 -1.13 52.88
O3G GCP D . 27.49 1.38 53.15
C3B GCP D . 29.66 -0.05 53.12
PB GCP D . 30.53 -1.24 52.08
O1B GCP D . 29.84 -2.57 52.23
O2B GCP D . 30.66 -0.66 50.70
O3A GCP D . 32.02 -1.42 52.67
PA GCP D . 33.16 -0.28 52.55
O1A GCP D . 34.33 -0.88 51.82
O2A GCP D . 32.53 1.00 52.05
O5' GCP D . 33.59 -0.04 54.08
C5' GCP D . 33.83 -1.14 54.96
C4' GCP D . 34.66 -0.76 56.18
O4' GCP D . 35.23 -1.95 56.75
C3' GCP D . 35.82 0.15 55.83
O3' GCP D . 35.59 1.46 56.35
C2' GCP D . 37.07 -0.49 56.43
O2' GCP D . 37.46 0.15 57.65
C1' GCP D . 36.66 -1.93 56.75
N9 GCP D . 37.19 -2.84 55.71
C8 GCP D . 36.81 -2.91 54.42
N7 GCP D . 37.50 -3.88 53.76
C5 GCP D . 38.34 -4.45 54.63
C6 GCP D . 39.35 -5.54 54.59
O6 GCP D . 39.59 -6.17 53.54
N1 GCP D . 40.01 -5.84 55.71
C2 GCP D . 39.78 -5.18 56.87
N2 GCP D . 40.49 -5.55 57.97
N3 GCP D . 38.86 -4.18 56.98
C4 GCP D . 38.13 -3.77 55.92
MG MG E . 29.79 0.97 49.78
PG GCP F . -7.75 33.93 -36.30
O1G GCP F . -8.00 33.29 -34.95
O2G GCP F . -6.41 33.60 -36.92
O3G GCP F . -8.09 35.41 -36.33
C3B GCP F . -8.95 33.20 -37.44
PB GCP F . -8.90 31.37 -37.43
O1B GCP F . -7.85 30.96 -38.43
O2B GCP F . -8.77 30.88 -36.01
O3A GCP F . -10.30 30.80 -37.99
PA GCP F . -11.76 31.47 -37.73
O1A GCP F . -12.81 30.40 -37.95
O2A GCP F . -11.75 32.20 -36.42
O5' GCP F . -11.87 32.53 -38.94
C5' GCP F . -12.00 32.14 -40.30
C4' GCP F . -13.31 32.66 -40.87
O4' GCP F . -13.50 32.15 -42.19
C3' GCP F . -14.52 32.24 -40.05
O3' GCP F . -15.14 33.39 -39.47
C2' GCP F . -15.47 31.54 -41.00
O2' GCP F . -16.67 32.30 -41.17
C1' GCP F . -14.73 31.43 -42.32
N9 GCP F . -14.48 30.00 -42.62
C8 GCP F . -13.69 29.18 -41.90
N7 GCP F . -13.66 27.93 -42.43
C5 GCP F . -14.44 27.95 -43.51
C6 GCP F . -14.86 26.96 -44.52
O6 GCP F . -14.43 25.79 -44.46
N1 GCP F . -15.69 27.36 -45.49
C2 GCP F . -16.16 28.61 -45.57
N2 GCP F . -17.00 28.93 -46.57
N3 GCP F . -15.82 29.57 -44.66
C4 GCP F . -14.99 29.30 -43.64
#